data_2VP4
#
_entry.id   2VP4
#
_cell.length_a   67.858
_cell.length_b   119.034
_cell.length_c   70.511
_cell.angle_alpha   90.00
_cell.angle_beta   96.38
_cell.angle_gamma   90.00
#
_symmetry.space_group_name_H-M   'P 1 21 1'
#
loop_
_entity.id
_entity.type
_entity.pdbx_description
1 polymer 'DEOXYNUCLEOSIDE KINASE'
2 non-polymer "2'-DEOXYCYTIDINE-5'-TRIPHOSPHATE"
3 water water
#
_entity_poly.entity_id   1
_entity_poly.type   'polypeptide(L)'
_entity_poly.pdbx_seq_one_letter_code
;MAEAASCARKGTKYAEGTQPFTVLIEGNIGSGKTTYLNHFEKYKNDICLLTEPVEKWRNVNGVNLLELMYKDPKKWAMPF
QSYVTLTMLQSHTAPTNKKLKIMERSIFSARYCFVENMRRNGSLEQGMYNTLEEWYKFIEESIHVQADLIIYLRTSPEVA
YERIRQRARSEESCVPLKYLQELHELHEDWLIHQRRPQSCKVLVLDADLNLENIGTEYQRSESSIFDAIS
;
_entity_poly.pdbx_strand_id   A,B,C,D
#
# COMPACT_ATOMS: atom_id res chain seq x y z
N THR A 12 -18.67 -9.07 9.19
CA THR A 12 -18.68 -9.16 10.69
C THR A 12 -17.34 -9.65 11.26
N LYS A 13 -16.84 -8.90 12.22
CA LYS A 13 -15.50 -9.12 12.73
C LYS A 13 -15.51 -10.01 13.94
N TYR A 14 -14.38 -10.63 14.22
CA TYR A 14 -14.18 -11.32 15.48
C TYR A 14 -14.39 -10.33 16.64
N ALA A 15 -15.10 -10.78 17.68
CA ALA A 15 -15.42 -9.96 18.86
C ALA A 15 -16.44 -8.83 18.65
N GLU A 16 -16.94 -8.66 17.41
CA GLU A 16 -17.90 -7.60 17.10
C GLU A 16 -19.21 -7.80 17.88
N GLY A 17 -19.68 -6.76 18.56
CA GLY A 17 -20.89 -6.85 19.39
C GLY A 17 -20.75 -7.65 20.68
N THR A 18 -19.53 -8.00 21.07
CA THR A 18 -19.30 -8.78 22.29
C THR A 18 -18.73 -7.93 23.45
N GLN A 19 -18.46 -6.66 23.18
CA GLN A 19 -17.62 -5.84 24.05
C GLN A 19 -18.37 -4.69 24.71
N PRO A 20 -18.14 -4.46 26.03
CA PRO A 20 -18.81 -3.35 26.72
C PRO A 20 -18.10 -2.04 26.43
N PHE A 21 -18.55 -0.95 27.03
CA PHE A 21 -17.89 0.34 26.93
C PHE A 21 -16.42 0.16 27.28
N THR A 22 -15.53 0.73 26.47
CA THR A 22 -14.12 0.45 26.62
C THR A 22 -13.25 1.69 26.65
N VAL A 23 -12.41 1.73 27.69
CA VAL A 23 -11.54 2.86 27.94
C VAL A 23 -10.11 2.40 27.74
N LEU A 24 -9.32 3.22 27.04
CA LEU A 24 -7.90 2.96 26.83
C LEU A 24 -7.06 3.98 27.55
N ILE A 25 -6.10 3.52 28.33
CA ILE A 25 -5.17 4.45 28.99
C ILE A 25 -3.90 4.54 28.16
N GLU A 26 -3.57 5.74 27.73
CA GLU A 26 -2.45 5.99 26.86
C GLU A 26 -1.57 7.11 27.42
N GLY A 27 -0.32 7.16 26.99
CA GLY A 27 0.61 8.16 27.48
C GLY A 27 1.99 7.63 27.21
N ASN A 28 2.98 8.50 27.24
CA ASN A 28 4.38 8.12 27.02
C ASN A 28 4.87 7.06 27.99
N ILE A 29 6.04 6.49 27.72
CA ILE A 29 6.69 5.58 28.66
C ILE A 29 6.92 6.34 29.95
N GLY A 30 6.58 5.73 31.07
CA GLY A 30 6.81 6.35 32.38
C GLY A 30 5.77 7.38 32.78
N SER A 31 4.65 7.46 32.06
CA SER A 31 3.67 8.50 32.28
C SER A 31 2.72 8.20 33.46
N GLY A 32 2.77 6.96 33.97
CA GLY A 32 1.96 6.55 35.11
C GLY A 32 0.66 5.87 34.73
N LYS A 33 0.68 5.08 33.65
CA LYS A 33 -0.53 4.39 33.18
C LYS A 33 -1.02 3.27 34.10
N THR A 34 -0.09 2.47 34.60
CA THR A 34 -0.43 1.38 35.52
C THR A 34 -0.88 1.96 36.89
N THR A 35 -0.16 2.97 37.38
CA THR A 35 -0.53 3.68 38.61
C THR A 35 -1.97 4.21 38.55
N TYR A 36 -2.28 4.96 37.49
CA TYR A 36 -3.62 5.48 37.27
C TYR A 36 -4.66 4.36 37.27
N LEU A 37 -4.39 3.30 36.51
CA LEU A 37 -5.24 2.11 36.46
C LEU A 37 -5.37 1.36 37.79
N ASN A 38 -4.41 1.53 38.68
CA ASN A 38 -4.45 0.86 39.99
C ASN A 38 -5.60 1.33 40.88
N HIS A 39 -6.04 2.57 40.66
CA HIS A 39 -7.15 3.18 41.39
C HIS A 39 -8.48 2.47 41.21
N PHE A 40 -8.63 1.72 40.12
CA PHE A 40 -9.85 0.99 39.83
C PHE A 40 -9.83 -0.45 40.35
N GLU A 41 -8.70 -0.87 40.92
CA GLU A 41 -8.54 -2.21 41.51
C GLU A 41 -9.72 -2.66 42.40
N LYS A 42 -10.11 -1.81 43.34
CA LYS A 42 -11.23 -2.07 44.26
C LYS A 42 -12.54 -2.42 43.55
N TYR A 43 -12.63 -2.04 42.28
CA TYR A 43 -13.84 -2.27 41.47
C TYR A 43 -13.65 -3.37 40.44
N LYS A 44 -12.70 -4.27 40.69
CA LYS A 44 -12.39 -5.35 39.77
C LYS A 44 -13.58 -6.22 39.41
N ASN A 45 -14.56 -6.30 40.30
CA ASN A 45 -15.72 -7.13 40.06
C ASN A 45 -16.80 -6.50 39.17
N ASP A 46 -16.74 -5.17 39.00
CA ASP A 46 -17.64 -4.47 38.08
C ASP A 46 -16.91 -3.96 36.81
N ILE A 47 -15.58 -4.04 36.83
CA ILE A 47 -14.75 -3.59 35.70
C ILE A 47 -13.74 -4.66 35.24
N CYS A 48 -13.68 -4.90 33.93
CA CYS A 48 -12.60 -5.67 33.31
C CYS A 48 -11.38 -4.77 33.14
N LEU A 49 -10.35 -5.08 33.91
CA LEU A 49 -9.14 -4.27 33.98
C LEU A 49 -7.95 -5.05 33.37
N LEU A 50 -7.39 -4.52 32.30
CA LEU A 50 -6.27 -5.20 31.63
C LEU A 50 -5.03 -4.33 31.58
N THR A 51 -4.11 -4.66 32.46
CA THR A 51 -2.91 -3.87 32.71
C THR A 51 -1.78 -4.89 32.83
N GLU A 52 -0.53 -4.53 33.13
CA GLU A 52 0.30 -3.62 32.42
C GLU A 52 0.91 -4.68 31.46
N PRO A 53 0.66 -4.53 30.14
CA PRO A 53 1.03 -5.60 29.20
C PRO A 53 2.54 -5.88 29.11
N VAL A 54 3.39 -4.95 29.54
CA VAL A 54 4.85 -5.13 29.45
C VAL A 54 5.34 -6.40 30.16
N GLU A 55 4.64 -6.79 31.21
CA GLU A 55 4.96 -8.02 31.89
C GLU A 55 4.93 -9.24 30.94
N LYS A 56 4.06 -9.18 29.93
CA LYS A 56 3.97 -10.24 28.92
C LYS A 56 5.15 -10.18 27.96
N TRP A 57 5.59 -8.97 27.62
CA TRP A 57 6.64 -8.79 26.60
C TRP A 57 8.03 -9.16 27.14
N ARG A 58 8.18 -9.08 28.46
CA ARG A 58 9.40 -9.43 29.17
C ARG A 58 9.54 -10.94 29.39
N ASN A 59 8.52 -11.73 29.06
CA ASN A 59 8.57 -13.16 29.36
C ASN A 59 7.62 -13.97 28.46
N VAL A 60 8.12 -14.38 27.31
CA VAL A 60 7.36 -15.14 26.32
C VAL A 60 7.89 -16.56 26.37
N ASN A 61 7.24 -17.43 27.16
CA ASN A 61 7.80 -18.75 27.54
C ASN A 61 9.28 -18.68 27.94
N GLY A 62 9.67 -17.58 28.59
CA GLY A 62 11.01 -17.42 29.12
C GLY A 62 11.89 -16.52 28.30
N VAL A 63 11.37 -16.06 27.15
CA VAL A 63 12.09 -15.15 26.29
C VAL A 63 11.67 -13.71 26.57
N ASN A 64 12.66 -12.88 26.91
CA ASN A 64 12.43 -11.46 27.17
C ASN A 64 12.63 -10.63 25.88
N LEU A 65 11.55 -10.43 25.13
CA LEU A 65 11.57 -9.72 23.81
C LEU A 65 11.83 -8.24 23.89
N LEU A 66 11.37 -7.61 24.98
CA LEU A 66 11.63 -6.20 25.25
C LEU A 66 13.15 -5.95 25.36
N GLU A 67 13.84 -6.84 26.06
CA GLU A 67 15.27 -6.75 26.23
C GLU A 67 15.97 -6.98 24.92
N LEU A 68 15.51 -7.96 24.14
CA LEU A 68 16.14 -8.25 22.85
C LEU A 68 15.99 -7.07 21.89
N MET A 69 14.81 -6.45 21.92
CA MET A 69 14.51 -5.32 21.05
C MET A 69 15.42 -4.15 21.33
N TYR A 70 15.61 -3.80 22.59
CA TYR A 70 16.50 -2.68 22.94
C TYR A 70 17.96 -2.97 22.62
N LYS A 71 18.37 -4.20 22.87
CA LYS A 71 19.74 -4.64 22.56
C LYS A 71 20.04 -4.69 21.09
N ASP A 72 19.19 -5.36 20.33
CA ASP A 72 19.40 -5.47 18.89
C ASP A 72 18.08 -5.19 18.14
N PRO A 73 17.75 -3.90 17.97
CA PRO A 73 16.43 -3.55 17.40
C PRO A 73 16.23 -3.89 15.91
N LYS A 74 17.30 -3.85 15.11
CA LYS A 74 17.20 -4.18 13.68
C LYS A 74 16.76 -5.63 13.38
N LYS A 75 17.05 -6.52 14.31
CA LYS A 75 16.63 -7.89 14.23
C LYS A 75 15.36 -8.15 15.05
N TRP A 76 15.21 -7.44 16.17
CA TRP A 76 14.17 -7.82 17.13
C TRP A 76 12.98 -6.87 17.28
N ALA A 77 13.08 -5.65 16.76
CA ALA A 77 11.99 -4.69 16.83
C ALA A 77 10.73 -5.22 16.16
N MET A 78 10.93 -6.00 15.10
CA MET A 78 9.83 -6.49 14.27
C MET A 78 9.07 -7.63 14.94
N PRO A 79 9.76 -8.69 15.39
CA PRO A 79 8.98 -9.63 16.19
C PRO A 79 8.48 -9.07 17.54
N PHE A 80 9.18 -8.10 18.13
CA PHE A 80 8.64 -7.43 19.34
C PHE A 80 7.27 -6.72 19.13
N GLN A 81 7.20 -5.82 18.15
CA GLN A 81 5.96 -5.09 17.86
C GLN A 81 4.86 -6.04 17.38
N SER A 82 5.28 -7.12 16.72
CA SER A 82 4.37 -8.16 16.30
C SER A 82 3.72 -8.84 17.52
N TYR A 83 4.53 -9.15 18.52
CA TYR A 83 3.99 -9.71 19.76
C TYR A 83 3.10 -8.71 20.56
N VAL A 84 3.49 -7.45 20.59
CA VAL A 84 2.75 -6.37 21.27
C VAL A 84 1.36 -6.30 20.65
N THR A 85 1.34 -6.14 19.33
CA THR A 85 0.14 -6.14 18.55
C THR A 85 -0.74 -7.33 18.92
N LEU A 86 -0.17 -8.52 18.98
CA LEU A 86 -0.92 -9.69 19.40
C LEU A 86 -1.49 -9.60 20.82
N THR A 87 -0.68 -9.18 21.79
CA THR A 87 -1.18 -9.08 23.17
C THR A 87 -2.25 -8.01 23.30
N MET A 88 -2.14 -6.94 22.50
CA MET A 88 -3.17 -5.91 22.46
C MET A 88 -4.49 -6.50 21.96
N LEU A 89 -4.43 -7.20 20.83
CA LEU A 89 -5.59 -7.89 20.27
C LEU A 89 -6.20 -8.89 21.23
N GLN A 90 -5.37 -9.68 21.90
CA GLN A 90 -5.87 -10.59 22.95
C GLN A 90 -6.71 -9.86 24.02
N SER A 91 -6.24 -8.69 24.43
CA SER A 91 -6.96 -7.86 25.40
C SER A 91 -8.18 -7.19 24.82
N HIS A 92 -8.04 -6.58 23.65
CA HIS A 92 -9.16 -5.91 22.99
C HIS A 92 -10.35 -6.86 22.81
N THR A 93 -10.06 -8.11 22.49
CA THR A 93 -11.11 -9.08 22.16
C THR A 93 -11.46 -10.02 23.31
N ALA A 94 -10.71 -9.93 24.40
CA ALA A 94 -10.95 -10.77 25.58
C ALA A 94 -12.41 -10.64 26.00
N PRO A 95 -13.10 -11.77 26.25
CA PRO A 95 -14.52 -11.73 26.58
C PRO A 95 -14.75 -11.34 28.04
N THR A 96 -15.90 -10.71 28.28
CA THR A 96 -16.23 -10.18 29.61
C THR A 96 -17.74 -9.97 29.74
N ASN A 97 -18.27 -10.23 30.94
CA ASN A 97 -19.67 -9.94 31.25
C ASN A 97 -19.85 -8.64 32.07
N LYS A 98 -18.80 -7.83 32.09
CA LYS A 98 -18.84 -6.58 32.85
C LYS A 98 -19.28 -5.42 31.95
N LYS A 99 -19.78 -4.35 32.59
CA LYS A 99 -20.39 -3.23 31.88
C LYS A 99 -19.34 -2.27 31.36
N LEU A 100 -18.11 -2.47 31.82
CA LEU A 100 -17.02 -1.57 31.50
C LEU A 100 -15.70 -2.34 31.33
N LYS A 101 -14.92 -1.96 30.33
CA LYS A 101 -13.55 -2.45 30.19
C LYS A 101 -12.55 -1.31 30.19
N ILE A 102 -11.47 -1.46 30.97
CA ILE A 102 -10.33 -0.54 30.93
C ILE A 102 -9.00 -1.26 30.70
N MET A 103 -8.20 -0.69 29.81
CA MET A 103 -6.99 -1.34 29.25
C MET A 103 -5.84 -0.38 29.24
N GLU A 104 -4.68 -0.84 29.69
CA GLU A 104 -3.46 -0.11 29.49
C GLU A 104 -3.00 -0.30 28.06
N ARG A 105 -2.81 0.82 27.38
CA ARG A 105 -2.41 0.85 25.99
C ARG A 105 -3.44 0.21 25.06
N SER A 106 -3.03 0.00 23.81
CA SER A 106 -3.89 -0.39 22.72
C SER A 106 -3.06 -0.67 21.46
N ILE A 107 -3.68 -1.31 20.48
CA ILE A 107 -3.04 -1.55 19.18
C ILE A 107 -2.65 -0.22 18.50
N PHE A 108 -3.39 0.84 18.83
CA PHE A 108 -3.20 2.14 18.15
C PHE A 108 -1.89 2.81 18.47
N SER A 109 -1.44 2.70 19.74
CA SER A 109 -0.16 3.34 20.07
C SER A 109 1.00 2.56 19.50
N ALA A 110 0.88 1.23 19.46
CA ALA A 110 1.89 0.40 18.79
C ALA A 110 2.08 0.88 17.34
N ARG A 111 0.96 0.99 16.61
CA ARG A 111 1.01 1.45 15.22
C ARG A 111 1.41 2.90 15.04
N TYR A 112 0.70 3.82 15.69
CA TYR A 112 0.88 5.25 15.39
C TYR A 112 2.09 5.86 16.06
N CYS A 113 2.57 5.25 17.14
CA CYS A 113 3.68 5.82 17.90
C CYS A 113 4.93 4.92 17.87
N PHE A 114 4.84 3.71 18.35
CA PHE A 114 6.06 2.91 18.45
C PHE A 114 6.61 2.33 17.13
N VAL A 115 5.74 1.72 16.32
CA VAL A 115 6.16 1.21 14.98
C VAL A 115 6.63 2.38 14.08
N GLU A 116 5.88 3.48 14.08
CA GLU A 116 6.24 4.64 13.28
C GLU A 116 7.59 5.23 13.66
N ASN A 117 7.88 5.31 14.96
CA ASN A 117 9.19 5.84 15.41
C ASN A 117 10.33 4.90 15.10
N MET A 118 10.11 3.61 15.20
CA MET A 118 11.14 2.62 14.82
C MET A 118 11.40 2.64 13.32
N ARG A 119 10.37 2.89 12.51
CA ARG A 119 10.63 3.18 11.09
C ARG A 119 11.49 4.40 10.89
N ARG A 120 11.09 5.54 11.48
CA ARG A 120 11.86 6.80 11.33
C ARG A 120 13.29 6.69 11.82
N ASN A 121 13.53 5.94 12.89
CA ASN A 121 14.92 5.78 13.40
C ASN A 121 15.75 4.62 12.81
N GLY A 122 15.12 3.77 12.02
CA GLY A 122 15.84 2.75 11.26
C GLY A 122 15.87 1.38 11.91
N SER A 123 15.26 1.27 13.09
CA SER A 123 15.11 -0.01 13.77
C SER A 123 14.30 -0.99 12.92
N LEU A 124 13.22 -0.51 12.29
CA LEU A 124 12.46 -1.33 11.35
C LEU A 124 12.83 -0.93 9.93
N GLU A 125 13.54 -1.82 9.22
CA GLU A 125 13.79 -1.63 7.78
C GLU A 125 12.43 -1.61 7.11
N GLN A 126 12.38 -1.04 5.91
CA GLN A 126 11.16 -0.88 5.12
C GLN A 126 10.27 -2.13 4.98
N GLY A 127 10.88 -3.25 4.63
CA GLY A 127 10.12 -4.49 4.40
C GLY A 127 9.45 -4.95 5.67
N MET A 128 10.09 -4.64 6.79
CA MET A 128 9.55 -5.00 8.09
C MET A 128 8.35 -4.13 8.47
N TYR A 129 8.49 -2.83 8.22
CA TYR A 129 7.44 -1.84 8.43
C TYR A 129 6.24 -2.10 7.49
N ASN A 130 6.52 -2.29 6.20
CA ASN A 130 5.47 -2.68 5.24
C ASN A 130 4.66 -3.87 5.73
N THR A 131 5.35 -4.84 6.33
CA THR A 131 4.71 -6.08 6.77
C THR A 131 3.78 -5.85 7.95
N LEU A 132 4.24 -5.04 8.90
CA LEU A 132 3.44 -4.62 10.06
C LEU A 132 2.21 -3.85 9.62
N GLU A 133 2.42 -2.87 8.73
CA GLU A 133 1.35 -2.02 8.18
C GLU A 133 0.28 -2.82 7.46
N GLU A 134 0.71 -3.80 6.66
CA GLU A 134 -0.24 -4.65 5.91
C GLU A 134 -1.04 -5.50 6.87
N TRP A 135 -0.38 -6.02 7.91
CA TRP A 135 -1.13 -6.70 8.98
C TRP A 135 -2.18 -5.78 9.66
N TYR A 136 -1.76 -4.57 10.04
CA TYR A 136 -2.68 -3.56 10.62
C TYR A 136 -3.89 -3.33 9.71
N LYS A 137 -3.65 -3.23 8.40
CA LYS A 137 -4.75 -3.09 7.43
C LYS A 137 -5.71 -4.27 7.48
N PHE A 138 -5.17 -5.50 7.51
CA PHE A 138 -5.99 -6.70 7.65
C PHE A 138 -6.71 -6.83 9.00
N ILE A 139 -6.01 -6.53 10.08
CA ILE A 139 -6.61 -6.56 11.42
C ILE A 139 -7.82 -5.62 11.44
N GLU A 140 -7.68 -4.42 10.88
CA GLU A 140 -8.81 -3.50 10.78
C GLU A 140 -10.05 -4.14 10.13
N GLU A 141 -9.84 -4.90 9.06
CA GLU A 141 -10.89 -5.61 8.35
C GLU A 141 -11.52 -6.73 9.13
N SER A 142 -10.74 -7.40 9.96
CA SER A 142 -11.16 -8.69 10.51
C SER A 142 -11.45 -8.73 11.99
N ILE A 143 -10.88 -7.80 12.74
CA ILE A 143 -10.99 -7.87 14.20
C ILE A 143 -11.58 -6.57 14.74
N HIS A 144 -12.64 -6.71 15.53
CA HIS A 144 -13.32 -5.57 16.14
C HIS A 144 -12.53 -5.06 17.36
N VAL A 145 -12.17 -3.79 17.32
CA VAL A 145 -11.45 -3.18 18.42
C VAL A 145 -12.36 -2.11 19.04
N GLN A 146 -13.06 -2.47 20.12
CA GLN A 146 -13.92 -1.52 20.83
C GLN A 146 -13.08 -0.41 21.46
N ALA A 147 -13.39 0.83 21.12
CA ALA A 147 -12.72 2.00 21.68
C ALA A 147 -13.67 3.21 21.83
N ASP A 148 -14.10 3.43 23.08
CA ASP A 148 -15.11 4.45 23.41
C ASP A 148 -14.50 5.71 24.00
N LEU A 149 -13.49 5.55 24.84
CA LEU A 149 -12.77 6.71 25.38
C LEU A 149 -11.29 6.40 25.51
N ILE A 150 -10.44 7.34 25.11
CA ILE A 150 -9.02 7.25 25.46
C ILE A 150 -8.76 8.28 26.55
N ILE A 151 -8.14 7.84 27.64
CA ILE A 151 -7.60 8.74 28.65
C ILE A 151 -6.09 8.90 28.42
N TYR A 152 -5.72 10.12 28.07
CA TYR A 152 -4.36 10.44 27.72
C TYR A 152 -3.65 11.07 28.90
N LEU A 153 -2.68 10.35 29.47
CA LEU A 153 -1.89 10.91 30.56
C LEU A 153 -0.76 11.71 29.97
N ARG A 154 -1.02 13.00 29.77
CA ARG A 154 -0.11 13.91 29.11
C ARG A 154 1.00 14.31 30.08
N THR A 155 2.24 14.10 29.65
CA THR A 155 3.41 14.43 30.45
C THR A 155 4.37 15.18 29.55
N SER A 156 5.36 15.83 30.17
CA SER A 156 6.44 16.44 29.43
C SER A 156 7.52 15.37 29.29
N PRO A 157 8.26 15.35 28.17
CA PRO A 157 9.34 14.37 28.03
C PRO A 157 10.29 14.19 29.23
N GLU A 158 10.63 15.29 29.91
CA GLU A 158 11.64 15.28 30.99
C GLU A 158 11.14 14.61 32.26
N VAL A 159 9.85 14.84 32.55
CA VAL A 159 9.12 14.16 33.61
C VAL A 159 8.97 12.65 33.34
N ALA A 160 8.70 12.26 32.09
CA ALA A 160 8.62 10.82 31.78
C ALA A 160 10.00 10.19 31.90
N TYR A 161 11.01 10.94 31.48
CA TYR A 161 12.38 10.44 31.54
C TYR A 161 12.85 10.20 32.97
N GLU A 162 12.53 11.13 33.89
CA GLU A 162 12.93 10.99 35.29
C GLU A 162 12.32 9.74 35.92
N ARG A 163 11.02 9.55 35.69
CA ARG A 163 10.32 8.33 36.12
C ARG A 163 10.95 7.03 35.58
N ILE A 164 11.39 7.06 34.33
CA ILE A 164 12.04 5.90 33.73
C ILE A 164 13.36 5.59 34.45
N ARG A 165 14.13 6.64 34.72
CA ARG A 165 15.38 6.52 35.47
C ARG A 165 15.13 6.03 36.90
N GLN A 166 14.11 6.57 37.55
CA GLN A 166 13.74 6.16 38.91
C GLN A 166 13.39 4.69 38.99
N ARG A 167 12.61 4.25 37.99
CA ARG A 167 12.09 2.88 37.92
C ARG A 167 13.24 1.90 37.68
N ALA A 168 14.16 2.27 36.80
CA ALA A 168 15.35 1.45 36.48
C ALA A 168 15.08 0.03 36.00
N ARG A 169 14.09 -0.16 35.11
CA ARG A 169 14.02 -1.42 34.40
C ARG A 169 15.32 -1.56 33.63
N SER A 170 15.99 -2.69 33.77
CA SER A 170 17.26 -2.88 33.08
C SER A 170 17.15 -2.80 31.54
N GLU A 171 16.05 -3.31 30.99
CA GLU A 171 15.80 -3.24 29.53
C GLU A 171 15.86 -1.80 28.99
N GLU A 172 15.49 -0.84 29.83
CA GLU A 172 15.34 0.56 29.41
C GLU A 172 16.55 1.46 29.74
N SER A 173 17.66 0.85 30.16
CA SER A 173 18.81 1.59 30.68
C SER A 173 19.53 2.46 29.65
N CYS A 174 19.28 2.19 28.37
CA CYS A 174 19.96 2.92 27.30
C CYS A 174 19.04 3.90 26.58
N VAL A 175 17.82 4.03 27.08
CA VAL A 175 16.81 4.84 26.43
C VAL A 175 17.13 6.31 26.70
N PRO A 176 17.33 7.12 25.64
CA PRO A 176 17.67 8.53 25.83
C PRO A 176 16.43 9.42 25.95
N LEU A 177 16.62 10.63 26.46
CA LEU A 177 15.56 11.61 26.49
C LEU A 177 15.00 11.84 25.06
N LYS A 178 15.88 11.90 24.06
CA LYS A 178 15.47 12.16 22.66
C LYS A 178 14.34 11.23 22.20
N TYR A 179 14.46 9.96 22.55
CA TYR A 179 13.48 8.93 22.20
C TYR A 179 12.12 9.22 22.80
N LEU A 180 12.11 9.71 24.04
CA LEU A 180 10.85 10.09 24.69
C LEU A 180 10.27 11.34 24.06
N GLN A 181 11.13 12.24 23.61
CA GLN A 181 10.71 13.44 22.89
C GLN A 181 10.01 13.07 21.59
N GLU A 182 10.55 12.09 20.88
CA GLU A 182 9.95 11.59 19.62
C GLU A 182 8.62 10.95 19.87
N LEU A 183 8.56 10.09 20.88
CA LEU A 183 7.33 9.42 21.29
C LEU A 183 6.26 10.39 21.79
N HIS A 184 6.68 11.39 22.56
CA HIS A 184 5.80 12.50 22.97
C HIS A 184 5.17 13.18 21.75
N GLU A 185 5.96 13.61 20.79
CA GLU A 185 5.36 14.29 19.62
C GLU A 185 4.39 13.36 18.88
N LEU A 186 4.69 12.06 18.85
CA LEU A 186 3.77 11.11 18.20
C LEU A 186 2.46 10.88 18.96
N HIS A 187 2.51 10.84 20.30
CA HIS A 187 1.26 10.81 21.09
C HIS A 187 0.42 12.06 20.89
N GLU A 188 1.09 13.21 20.80
CA GLU A 188 0.41 14.50 20.61
C GLU A 188 -0.25 14.56 19.25
N ASP A 189 0.50 14.17 18.21
CA ASP A 189 0.01 14.12 16.84
C ASP A 189 -1.27 13.30 16.75
N TRP A 190 -1.31 12.19 17.48
CA TRP A 190 -2.45 11.30 17.50
C TRP A 190 -3.60 11.77 18.41
N LEU A 191 -3.29 12.03 19.69
CA LEU A 191 -4.34 12.25 20.69
C LEU A 191 -4.82 13.71 20.80
N ILE A 192 -3.95 14.67 20.51
CA ILE A 192 -4.33 16.09 20.51
C ILE A 192 -4.70 16.59 19.11
N HIS A 193 -3.80 16.40 18.15
CA HIS A 193 -3.94 17.05 16.85
C HIS A 193 -4.79 16.23 15.88
N GLN A 194 -5.13 15.01 16.30
CA GLN A 194 -5.93 14.05 15.51
C GLN A 194 -5.53 13.88 14.04
N ARG A 195 -4.23 13.78 13.79
CA ARG A 195 -3.66 13.53 12.47
C ARG A 195 -3.85 12.08 12.01
N ARG A 196 -4.27 11.23 12.93
CA ARG A 196 -4.39 9.82 12.69
C ARG A 196 -5.84 9.44 12.38
N PRO A 197 -6.06 8.42 11.53
CA PRO A 197 -7.40 8.00 11.11
C PRO A 197 -8.34 7.63 12.26
N GLN A 198 -7.82 7.11 13.36
CA GLN A 198 -8.73 6.65 14.40
C GLN A 198 -9.21 7.81 15.24
N SER A 199 -10.52 7.79 15.50
CA SER A 199 -11.14 8.79 16.34
C SER A 199 -12.10 8.16 17.34
N CYS A 200 -11.90 8.53 18.60
CA CYS A 200 -12.91 8.40 19.64
C CYS A 200 -12.60 9.53 20.59
N LYS A 201 -13.44 9.73 21.59
CA LYS A 201 -13.25 10.85 22.49
C LYS A 201 -11.96 10.64 23.29
N VAL A 202 -11.25 11.74 23.53
CA VAL A 202 -10.02 11.76 24.29
C VAL A 202 -10.19 12.66 25.51
N LEU A 203 -9.86 12.12 26.67
CA LEU A 203 -9.77 12.92 27.88
C LEU A 203 -8.30 13.15 28.20
N VAL A 204 -7.89 14.42 28.17
CA VAL A 204 -6.51 14.80 28.41
C VAL A 204 -6.30 15.13 29.88
N LEU A 205 -5.35 14.43 30.50
CA LEU A 205 -4.99 14.64 31.91
C LEU A 205 -3.56 15.11 32.03
N ASP A 206 -3.30 16.03 32.96
CA ASP A 206 -1.94 16.47 33.29
C ASP A 206 -1.31 15.44 34.23
N ALA A 207 -0.33 14.72 33.73
CA ALA A 207 0.30 13.64 34.49
C ALA A 207 1.72 14.00 34.90
N ASP A 208 2.05 15.28 34.80
CA ASP A 208 3.24 15.84 35.42
C ASP A 208 3.08 15.98 36.93
N LEU A 209 1.86 15.73 37.41
CA LEU A 209 1.49 15.48 38.83
C LEU A 209 0.56 16.57 39.35
N THR B 12 -18.20 -15.76 17.16
CA THR B 12 -18.08 -16.09 15.71
C THR B 12 -16.75 -15.57 15.16
N LYS B 13 -16.06 -16.41 14.39
CA LYS B 13 -14.79 -16.03 13.78
C LYS B 13 -15.02 -15.21 12.51
N TYR B 14 -14.08 -14.36 12.17
CA TYR B 14 -14.12 -13.62 10.91
C TYR B 14 -14.24 -14.58 9.70
N ALA B 15 -15.10 -14.23 8.75
CA ALA B 15 -15.35 -15.01 7.52
C ALA B 15 -16.08 -16.34 7.77
N GLU B 16 -16.50 -16.59 9.00
CA GLU B 16 -17.24 -17.80 9.29
C GLU B 16 -18.58 -17.78 8.54
N GLY B 17 -18.89 -18.90 7.89
CA GLY B 17 -20.13 -19.04 7.12
C GLY B 17 -20.15 -18.31 5.79
N THR B 18 -19.00 -17.78 5.37
CA THR B 18 -18.97 -17.03 4.11
C THR B 18 -18.25 -17.78 3.00
N GLN B 19 -17.85 -19.02 3.26
CA GLN B 19 -16.89 -19.70 2.38
C GLN B 19 -17.41 -20.98 1.71
N PRO B 20 -17.11 -21.12 0.40
CA PRO B 20 -17.44 -22.35 -0.31
C PRO B 20 -16.49 -23.46 0.11
N PHE B 21 -16.85 -24.68 -0.29
CA PHE B 21 -15.97 -25.85 -0.21
C PHE B 21 -14.63 -25.40 -0.77
N THR B 22 -13.56 -25.72 -0.05
CA THR B 22 -12.28 -25.10 -0.36
C THR B 22 -11.20 -26.15 -0.48
N VAL B 23 -10.48 -26.09 -1.59
CA VAL B 23 -9.40 -27.03 -1.91
C VAL B 23 -8.07 -26.31 -1.79
N LEU B 24 -7.14 -26.94 -1.07
CA LEU B 24 -5.81 -26.41 -0.88
C LEU B 24 -4.81 -27.26 -1.67
N ILE B 25 -3.97 -26.62 -2.47
CA ILE B 25 -2.97 -27.38 -3.24
C ILE B 25 -1.63 -27.26 -2.53
N GLU B 26 -1.15 -28.39 -2.02
CA GLU B 26 0.08 -28.47 -1.25
C GLU B 26 1.15 -29.39 -1.84
N GLY B 27 2.41 -29.11 -1.53
CA GLY B 27 3.53 -29.96 -1.95
C GLY B 27 4.83 -29.21 -1.72
N ASN B 28 5.95 -29.91 -1.80
CA ASN B 28 7.28 -29.27 -1.67
C ASN B 28 7.52 -28.12 -2.69
N ILE B 29 8.57 -27.34 -2.48
CA ILE B 29 8.98 -26.31 -3.44
C ILE B 29 9.28 -27.03 -4.75
N GLY B 30 8.81 -26.45 -5.87
CA GLY B 30 9.02 -27.05 -7.18
C GLY B 30 8.25 -28.35 -7.44
N SER B 31 7.21 -28.63 -6.66
CA SER B 31 6.42 -29.85 -6.85
C SER B 31 5.39 -29.73 -7.98
N GLY B 32 5.09 -28.51 -8.41
CA GLY B 32 4.23 -28.27 -9.57
C GLY B 32 2.85 -27.78 -9.22
N LYS B 33 2.72 -27.01 -8.14
CA LYS B 33 1.41 -26.60 -7.66
C LYS B 33 0.72 -25.61 -8.61
N THR B 34 1.49 -24.69 -9.16
CA THR B 34 0.97 -23.64 -10.05
C THR B 34 0.56 -24.28 -11.39
N THR B 35 1.48 -25.05 -11.96
CA THR B 35 1.20 -25.88 -13.16
C THR B 35 -0.08 -26.72 -13.05
N TYR B 36 -0.25 -27.39 -11.91
CA TYR B 36 -1.48 -28.14 -11.63
C TYR B 36 -2.71 -27.23 -11.63
N LEU B 37 -2.59 -26.10 -10.94
CA LEU B 37 -3.67 -25.11 -10.85
C LEU B 37 -4.00 -24.43 -12.19
N ASN B 38 -3.00 -24.29 -13.05
CA ASN B 38 -3.23 -23.75 -14.40
C ASN B 38 -4.34 -24.52 -15.15
N HIS B 39 -4.43 -25.82 -14.89
CA HIS B 39 -5.46 -26.69 -15.48
C HIS B 39 -6.90 -26.28 -15.19
N PHE B 40 -7.11 -25.46 -14.15
CA PHE B 40 -8.45 -25.03 -13.81
C PHE B 40 -8.77 -23.66 -14.40
N GLU B 41 -7.84 -23.08 -15.15
CA GLU B 41 -8.03 -21.75 -15.74
C GLU B 41 -9.33 -21.55 -16.52
N LYS B 42 -9.72 -22.55 -17.32
CA LYS B 42 -10.92 -22.41 -18.17
C LYS B 42 -12.22 -22.34 -17.38
N TYR B 43 -12.17 -22.84 -16.14
CA TYR B 43 -13.33 -22.85 -15.26
C TYR B 43 -13.34 -21.66 -14.30
N LYS B 44 -12.65 -20.59 -14.68
CA LYS B 44 -12.50 -19.41 -13.81
C LYS B 44 -13.83 -18.85 -13.30
N ASN B 45 -14.86 -18.89 -14.13
CA ASN B 45 -16.14 -18.27 -13.80
C ASN B 45 -16.98 -19.02 -12.79
N ASP B 46 -16.61 -20.27 -12.52
CA ASP B 46 -17.29 -21.09 -11.52
C ASP B 46 -16.38 -21.49 -10.36
N ILE B 47 -15.08 -21.22 -10.48
CA ILE B 47 -14.11 -21.53 -9.41
C ILE B 47 -13.29 -20.31 -9.01
N CYS B 48 -13.24 -20.04 -7.71
CA CYS B 48 -12.37 -19.03 -7.16
C CYS B 48 -10.94 -19.60 -7.06
N LEU B 49 -10.07 -19.15 -7.96
CA LEU B 49 -8.72 -19.68 -8.09
C LEU B 49 -7.68 -18.67 -7.58
N LEU B 50 -6.98 -19.04 -6.52
CA LEU B 50 -5.98 -18.14 -5.93
C LEU B 50 -4.62 -18.78 -5.96
N THR B 51 -3.84 -18.38 -6.96
CA THR B 51 -2.63 -19.11 -7.32
C THR B 51 -1.38 -18.26 -7.13
N GLU B 52 -0.23 -18.93 -7.19
CA GLU B 52 1.09 -18.30 -7.20
C GLU B 52 1.28 -17.10 -6.21
N PRO B 53 1.05 -17.33 -4.90
CA PRO B 53 1.28 -16.29 -3.87
C PRO B 53 2.72 -15.81 -3.74
N VAL B 54 3.67 -16.56 -4.31
CA VAL B 54 5.08 -16.18 -4.29
C VAL B 54 5.35 -14.82 -4.97
N GLU B 55 4.49 -14.43 -5.91
CA GLU B 55 4.65 -13.13 -6.56
C GLU B 55 4.43 -11.98 -5.57
N LYS B 56 3.56 -12.22 -4.60
CA LYS B 56 3.32 -11.25 -3.53
C LYS B 56 4.54 -11.13 -2.60
N TRP B 57 5.10 -12.27 -2.19
CA TRP B 57 6.22 -12.29 -1.25
C TRP B 57 7.49 -11.72 -1.84
N ARG B 58 7.50 -11.60 -3.17
CA ARG B 58 8.61 -11.03 -3.89
C ARG B 58 8.45 -9.55 -4.20
N ASN B 59 7.26 -8.99 -4.00
CA ASN B 59 7.02 -7.59 -4.33
C ASN B 59 6.04 -7.02 -3.30
N VAL B 60 6.55 -6.72 -2.12
CA VAL B 60 5.73 -6.14 -1.06
C VAL B 60 5.93 -4.63 -1.16
N ASN B 61 5.08 -3.96 -1.92
CA ASN B 61 5.32 -2.57 -2.29
C ASN B 61 6.75 -2.36 -2.75
N GLY B 62 7.23 -3.21 -3.66
CA GLY B 62 8.59 -3.11 -4.21
C GLY B 62 9.70 -3.79 -3.46
N VAL B 63 9.41 -4.29 -2.26
CA VAL B 63 10.39 -5.04 -1.48
C VAL B 63 10.25 -6.55 -1.69
N ASN B 64 11.37 -7.18 -2.00
CA ASN B 64 11.45 -8.60 -2.23
C ASN B 64 11.83 -9.30 -0.94
N LEU B 65 10.82 -9.65 -0.14
CA LEU B 65 11.02 -10.34 1.14
C LEU B 65 11.60 -11.74 0.99
N LEU B 66 11.22 -12.42 -0.10
CA LEU B 66 11.72 -13.77 -0.38
C LEU B 66 13.24 -13.73 -0.50
N GLU B 67 13.74 -12.77 -1.26
CA GLU B 67 15.17 -12.55 -1.42
C GLU B 67 15.88 -12.15 -0.10
N LEU B 68 15.29 -11.24 0.67
CA LEU B 68 15.87 -10.84 1.95
C LEU B 68 15.95 -12.02 2.94
N MET B 69 14.93 -12.87 2.95
CA MET B 69 14.91 -14.03 3.81
C MET B 69 16.04 -15.00 3.47
N TYR B 70 16.19 -15.35 2.20
CA TYR B 70 17.24 -16.30 1.83
C TYR B 70 18.64 -15.75 2.10
N LYS B 71 18.84 -14.46 1.80
CA LYS B 71 20.09 -13.75 2.06
C LYS B 71 20.47 -13.64 3.52
N ASP B 72 19.48 -13.43 4.39
CA ASP B 72 19.74 -13.19 5.81
C ASP B 72 18.56 -13.72 6.63
N PRO B 73 18.47 -15.05 6.75
CA PRO B 73 17.34 -15.71 7.39
C PRO B 73 17.17 -15.36 8.88
N LYS B 74 18.26 -15.16 9.61
CA LYS B 74 18.17 -14.86 11.04
C LYS B 74 17.51 -13.50 11.30
N LYS B 75 17.54 -12.64 10.29
CA LYS B 75 16.93 -11.33 10.41
C LYS B 75 15.56 -11.28 9.69
N TRP B 76 15.48 -11.94 8.52
CA TRP B 76 14.33 -11.76 7.66
C TRP B 76 13.31 -12.88 7.63
N ALA B 77 13.65 -14.06 8.14
CA ALA B 77 12.70 -15.17 8.15
C ALA B 77 11.46 -14.86 8.95
N MET B 78 11.57 -14.15 10.08
CA MET B 78 10.36 -13.88 10.89
C MET B 78 9.38 -12.96 10.14
N PRO B 79 9.83 -11.80 9.64
CA PRO B 79 8.83 -11.01 8.91
C PRO B 79 8.36 -11.63 7.58
N PHE B 80 9.23 -12.41 6.94
CA PHE B 80 8.84 -13.16 5.75
C PHE B 80 7.68 -14.10 6.02
N GLN B 81 7.82 -14.98 7.01
CA GLN B 81 6.73 -15.90 7.37
C GLN B 81 5.52 -15.14 7.92
N SER B 82 5.77 -14.05 8.64
CA SER B 82 4.67 -13.19 9.10
C SER B 82 3.88 -12.68 7.91
N TYR B 83 4.56 -12.25 6.86
CA TYR B 83 3.85 -11.78 5.66
C TYR B 83 3.16 -12.92 4.86
N VAL B 84 3.79 -14.10 4.84
CA VAL B 84 3.23 -15.28 4.14
C VAL B 84 1.93 -15.64 4.81
N THR B 85 1.97 -15.72 6.13
CA THR B 85 0.79 -15.96 6.96
C THR B 85 -0.35 -14.98 6.62
N LEU B 86 -0.03 -13.68 6.62
CA LEU B 86 -1.00 -12.66 6.21
C LEU B 86 -1.63 -12.98 4.87
N THR B 87 -0.80 -13.21 3.84
CA THR B 87 -1.30 -13.39 2.45
C THR B 87 -2.20 -14.59 2.37
N MET B 88 -1.87 -15.63 3.15
CA MET B 88 -2.67 -16.83 3.20
C MET B 88 -4.01 -16.48 3.79
N LEU B 89 -4.00 -15.70 4.89
CA LEU B 89 -5.22 -15.23 5.53
C LEU B 89 -6.09 -14.42 4.60
N GLN B 90 -5.47 -13.49 3.87
CA GLN B 90 -6.18 -12.73 2.85
C GLN B 90 -6.87 -13.64 1.81
N SER B 91 -6.20 -14.71 1.40
CA SER B 91 -6.77 -15.68 0.47
C SER B 91 -7.85 -16.57 1.11
N HIS B 92 -7.55 -17.11 2.29
CA HIS B 92 -8.47 -17.98 2.99
C HIS B 92 -9.81 -17.26 3.23
N THR B 93 -9.74 -15.96 3.52
CA THR B 93 -10.94 -15.21 3.87
C THR B 93 -11.51 -14.38 2.72
N ALA B 94 -10.91 -14.47 1.55
CA ALA B 94 -11.38 -13.67 0.43
C ALA B 94 -12.83 -14.04 0.13
N PRO B 95 -13.71 -13.01 0.00
CA PRO B 95 -15.11 -13.25 -0.38
C PRO B 95 -15.25 -13.76 -1.81
N THR B 96 -16.25 -14.58 -2.04
CA THR B 96 -16.54 -15.10 -3.37
C THR B 96 -17.98 -15.57 -3.41
N ASN B 97 -18.62 -15.38 -4.56
CA ASN B 97 -19.95 -15.97 -4.78
C ASN B 97 -19.86 -17.35 -5.39
N LYS B 98 -18.68 -17.70 -5.90
CA LYS B 98 -18.46 -19.02 -6.50
C LYS B 98 -18.63 -20.17 -5.48
N LYS B 99 -19.00 -21.34 -6.00
CA LYS B 99 -19.29 -22.52 -5.16
C LYS B 99 -18.07 -23.39 -4.89
N LEU B 100 -16.95 -23.06 -5.54
CA LEU B 100 -15.68 -23.74 -5.28
C LEU B 100 -14.54 -22.74 -5.12
N LYS B 101 -13.70 -22.96 -4.09
CA LYS B 101 -12.45 -22.20 -3.98
C LYS B 101 -11.23 -23.10 -3.99
N ILE B 102 -10.28 -22.78 -4.86
CA ILE B 102 -9.02 -23.53 -4.92
C ILE B 102 -7.83 -22.60 -4.74
N MET B 103 -7.03 -22.88 -3.73
CA MET B 103 -5.88 -22.04 -3.37
C MET B 103 -4.59 -22.81 -3.47
N GLU B 104 -3.58 -22.18 -4.05
CA GLU B 104 -2.22 -22.67 -3.91
C GLU B 104 -1.65 -22.36 -2.52
N ARG B 105 -1.28 -23.44 -1.82
CA ARG B 105 -0.80 -23.41 -0.44
C ARG B 105 -1.81 -22.92 0.57
N SER B 106 -1.34 -22.68 1.79
CA SER B 106 -2.22 -22.40 2.90
C SER B 106 -1.40 -21.94 4.09
N ILE B 107 -2.12 -21.45 5.10
CA ILE B 107 -1.54 -21.12 6.40
C ILE B 107 -0.93 -22.36 7.05
N PHE B 108 -1.53 -23.52 6.81
CA PHE B 108 -1.09 -24.75 7.48
C PHE B 108 0.34 -25.13 7.16
N SER B 109 0.74 -25.00 5.88
CA SER B 109 2.08 -25.35 5.48
C SER B 109 3.15 -24.33 5.89
N ALA B 110 2.75 -23.05 5.98
CA ALA B 110 3.62 -22.05 6.58
C ALA B 110 3.90 -22.49 8.03
N ARG B 111 2.87 -22.84 8.78
CA ARG B 111 3.04 -23.23 10.17
C ARG B 111 3.72 -24.60 10.38
N TYR B 112 3.15 -25.65 9.78
CA TYR B 112 3.59 -27.04 10.02
C TYR B 112 4.88 -27.43 9.31
N CYS B 113 5.22 -26.72 8.23
CA CYS B 113 6.40 -27.08 7.46
C CYS B 113 7.51 -26.03 7.50
N PHE B 114 7.25 -24.83 6.97
CA PHE B 114 8.32 -23.87 6.79
C PHE B 114 8.77 -23.21 8.10
N VAL B 115 7.81 -22.71 8.89
CA VAL B 115 8.11 -22.17 10.22
C VAL B 115 8.82 -23.20 11.10
N GLU B 116 8.26 -24.40 11.20
CA GLU B 116 8.92 -25.48 11.94
C GLU B 116 10.39 -25.76 11.48
N ASN B 117 10.61 -25.85 10.17
CA ASN B 117 11.94 -26.14 9.66
C ASN B 117 12.93 -25.01 9.97
N MET B 118 12.46 -23.77 9.87
CA MET B 118 13.30 -22.61 10.19
C MET B 118 13.58 -22.51 11.69
N ARG B 119 12.70 -23.06 12.51
CA ARG B 119 13.02 -23.21 13.93
C ARG B 119 14.12 -24.26 14.13
N ARG B 120 13.92 -25.46 13.56
CA ARG B 120 14.90 -26.56 13.63
C ARG B 120 16.29 -26.20 13.08
N ASN B 121 16.37 -25.35 12.04
CA ASN B 121 17.69 -24.99 11.51
C ASN B 121 18.35 -23.75 12.11
N GLY B 122 17.62 -23.05 12.98
CA GLY B 122 18.17 -21.90 13.70
C GLY B 122 17.84 -20.56 13.08
N SER B 123 17.28 -20.57 11.88
CA SER B 123 16.92 -19.33 11.16
C SER B 123 15.88 -18.49 11.92
N LEU B 124 15.01 -19.17 12.67
CA LEU B 124 14.10 -18.53 13.59
C LEU B 124 14.50 -18.91 15.01
N GLU B 125 15.02 -17.93 15.74
CA GLU B 125 15.34 -18.12 17.18
C GLU B 125 14.05 -18.25 17.98
N GLN B 126 14.16 -18.78 19.20
CA GLN B 126 12.97 -19.14 19.99
C GLN B 126 11.92 -18.07 20.07
N GLY B 127 12.34 -16.85 20.38
CA GLY B 127 11.42 -15.73 20.56
C GLY B 127 10.68 -15.33 19.29
N MET B 128 11.32 -15.54 18.14
CA MET B 128 10.66 -15.31 16.85
C MET B 128 9.63 -16.39 16.58
N TYR B 129 10.06 -17.64 16.73
CA TYR B 129 9.18 -18.78 16.65
C TYR B 129 8.00 -18.71 17.62
N ASN B 130 8.29 -18.34 18.87
CA ASN B 130 7.27 -18.15 19.90
C ASN B 130 6.26 -17.09 19.44
N THR B 131 6.75 -15.96 18.93
CA THR B 131 5.84 -14.93 18.43
C THR B 131 4.91 -15.48 17.33
N LEU B 132 5.48 -16.21 16.37
CA LEU B 132 4.67 -16.75 15.25
C LEU B 132 3.65 -17.76 15.75
N GLU B 133 4.06 -18.67 16.63
CA GLU B 133 3.12 -19.68 17.17
C GLU B 133 1.98 -19.08 17.98
N GLU B 134 2.30 -18.11 18.84
CA GLU B 134 1.27 -17.44 19.62
C GLU B 134 0.27 -16.75 18.69
N TRP B 135 0.76 -16.15 17.61
CA TRP B 135 -0.10 -15.65 16.56
C TRP B 135 -1.01 -16.73 15.94
N TYR B 136 -0.43 -17.87 15.57
CA TYR B 136 -1.20 -19.00 15.03
C TYR B 136 -2.34 -19.45 15.92
N LYS B 137 -2.06 -19.57 17.21
CA LYS B 137 -3.09 -19.86 18.20
C LYS B 137 -4.20 -18.80 18.23
N PHE B 138 -3.84 -17.52 18.19
CA PHE B 138 -4.85 -16.46 18.11
C PHE B 138 -5.66 -16.49 16.81
N ILE B 139 -4.97 -16.71 15.69
CA ILE B 139 -5.62 -16.84 14.36
C ILE B 139 -6.62 -17.98 14.40
N GLU B 140 -6.21 -19.09 15.02
CA GLU B 140 -7.09 -20.24 15.19
C GLU B 140 -8.40 -19.89 15.90
N GLU B 141 -8.35 -19.01 16.91
CA GLU B 141 -9.55 -18.57 17.65
C GLU B 141 -10.39 -17.52 16.92
N SER B 142 -9.75 -16.69 16.09
CA SER B 142 -10.41 -15.48 15.59
C SER B 142 -10.78 -15.49 14.11
N ILE B 143 -10.06 -16.26 13.32
CA ILE B 143 -10.25 -16.27 11.86
C ILE B 143 -10.63 -17.67 11.38
N HIS B 144 -11.69 -17.71 10.59
CA HIS B 144 -12.18 -18.96 10.03
C HIS B 144 -11.36 -19.36 8.80
N VAL B 145 -10.78 -20.54 8.86
CA VAL B 145 -10.06 -21.07 7.72
C VAL B 145 -10.79 -22.28 7.15
N GLN B 146 -11.42 -22.07 6.00
CA GLN B 146 -12.13 -23.14 5.29
C GLN B 146 -11.11 -24.07 4.61
N ALA B 147 -11.24 -25.37 4.86
CA ALA B 147 -10.36 -26.36 4.26
C ALA B 147 -11.10 -27.68 4.22
N ASP B 148 -11.54 -28.08 3.03
CA ASP B 148 -12.33 -29.32 2.91
C ASP B 148 -11.57 -30.46 2.23
N LEU B 149 -10.64 -30.10 1.35
CA LEU B 149 -9.76 -31.05 0.69
C LEU B 149 -8.36 -30.47 0.48
N ILE B 150 -7.34 -31.24 0.85
CA ILE B 150 -5.97 -30.92 0.50
C ILE B 150 -5.50 -31.87 -0.58
N ILE B 151 -5.06 -31.32 -1.72
CA ILE B 151 -4.40 -32.13 -2.75
C ILE B 151 -2.88 -32.01 -2.62
N TYR B 152 -2.25 -33.13 -2.28
CA TYR B 152 -0.83 -33.23 -2.00
C TYR B 152 -0.14 -33.70 -3.26
N LEU B 153 0.67 -32.81 -3.84
CA LEU B 153 1.51 -33.15 -4.98
C LEU B 153 2.81 -33.67 -4.41
N ARG B 154 2.81 -34.97 -4.14
CA ARG B 154 3.93 -35.67 -3.56
C ARG B 154 5.07 -35.86 -4.55
N THR B 155 6.28 -35.50 -4.15
CA THR B 155 7.45 -35.68 -4.99
C THR B 155 8.55 -36.30 -4.15
N SER B 156 9.65 -36.67 -4.79
CA SER B 156 10.85 -36.98 -4.05
C SER B 156 11.70 -35.71 -3.96
N PRO B 157 12.45 -35.54 -2.86
CA PRO B 157 13.24 -34.32 -2.69
C PRO B 157 14.14 -34.04 -3.90
N GLU B 158 14.59 -35.09 -4.59
CA GLU B 158 15.46 -35.01 -5.77
C GLU B 158 14.79 -34.41 -7.01
N VAL B 159 13.55 -34.81 -7.27
CA VAL B 159 12.72 -34.22 -8.34
C VAL B 159 12.43 -32.75 -8.02
N ALA B 160 11.94 -32.47 -6.80
CA ALA B 160 11.75 -31.09 -6.35
C ALA B 160 13.01 -30.27 -6.58
N TYR B 161 14.14 -30.83 -6.17
CA TYR B 161 15.44 -30.19 -6.30
C TYR B 161 15.87 -29.92 -7.73
N GLU B 162 15.56 -30.84 -8.64
CA GLU B 162 15.85 -30.68 -10.07
C GLU B 162 15.00 -29.56 -10.70
N ARG B 163 13.71 -29.56 -10.39
CA ARG B 163 12.80 -28.51 -10.88
C ARG B 163 13.19 -27.12 -10.41
N ILE B 164 13.65 -27.01 -9.17
CA ILE B 164 14.12 -25.76 -8.62
C ILE B 164 15.36 -25.25 -9.36
N ARG B 165 16.29 -26.14 -9.65
CA ARG B 165 17.51 -25.81 -10.40
C ARG B 165 17.22 -25.38 -11.84
N GLN B 166 16.28 -26.09 -12.46
CA GLN B 166 15.82 -25.79 -13.80
C GLN B 166 15.09 -24.44 -13.89
N ARG B 167 14.19 -24.17 -12.96
CA ARG B 167 13.48 -22.88 -12.87
C ARG B 167 14.48 -21.73 -12.71
N ALA B 168 15.50 -21.95 -11.86
CA ALA B 168 16.58 -20.98 -11.66
C ALA B 168 16.11 -19.59 -11.15
N ARG B 169 15.17 -19.58 -10.20
CA ARG B 169 14.83 -18.34 -9.46
C ARG B 169 16.07 -17.89 -8.71
N SER B 170 16.51 -16.66 -8.97
CA SER B 170 17.72 -16.12 -8.30
C SER B 170 17.73 -16.23 -6.78
N GLU B 171 16.55 -16.05 -6.15
CA GLU B 171 16.42 -16.11 -4.69
C GLU B 171 16.76 -17.50 -4.14
N GLU B 172 16.52 -18.52 -4.96
CA GLU B 172 16.67 -19.93 -4.57
C GLU B 172 17.99 -20.59 -4.98
N SER B 173 18.94 -19.77 -5.44
CA SER B 173 20.20 -20.28 -6.00
C SER B 173 21.10 -20.99 -4.99
N CYS B 174 21.02 -20.59 -3.72
CA CYS B 174 21.83 -21.25 -2.70
C CYS B 174 21.09 -22.36 -1.94
N VAL B 175 19.89 -22.72 -2.38
CA VAL B 175 19.07 -23.72 -1.67
C VAL B 175 19.64 -25.14 -1.81
N PRO B 176 20.11 -25.74 -0.68
CA PRO B 176 20.70 -27.09 -0.70
C PRO B 176 19.64 -28.18 -0.81
N LEU B 177 20.09 -29.40 -1.14
CA LEU B 177 19.22 -30.56 -1.17
C LEU B 177 18.65 -30.91 0.21
N LYS B 178 19.50 -30.84 1.25
CA LYS B 178 19.10 -31.11 2.64
C LYS B 178 17.79 -30.40 3.01
N TYR B 179 17.68 -29.16 2.55
CA TYR B 179 16.57 -28.28 2.87
C TYR B 179 15.29 -28.80 2.26
N LEU B 180 15.38 -29.30 1.03
CA LEU B 180 14.25 -29.93 0.38
C LEU B 180 13.90 -31.28 0.99
N GLN B 181 14.91 -32.00 1.47
CA GLN B 181 14.69 -33.25 2.21
C GLN B 181 13.93 -32.99 3.50
N GLU B 182 14.38 -32.00 4.27
CA GLU B 182 13.73 -31.58 5.53
C GLU B 182 12.26 -31.18 5.31
N LEU B 183 12.02 -30.38 4.27
CA LEU B 183 10.67 -29.89 3.91
C LEU B 183 9.77 -31.02 3.45
N HIS B 184 10.34 -31.93 2.66
CA HIS B 184 9.63 -33.13 2.20
C HIS B 184 9.10 -33.93 3.38
N GLU B 185 9.97 -34.21 4.36
CA GLU B 185 9.55 -34.98 5.54
C GLU B 185 8.48 -34.29 6.38
N LEU B 186 8.47 -32.96 6.35
CA LEU B 186 7.48 -32.21 7.12
C LEU B 186 6.11 -32.24 6.46
N HIS B 187 6.09 -32.08 5.15
CA HIS B 187 4.87 -32.30 4.35
C HIS B 187 4.33 -33.71 4.55
N GLU B 188 5.23 -34.70 4.51
CA GLU B 188 4.90 -36.12 4.82
C GLU B 188 4.32 -36.24 6.21
N ASP B 189 5.04 -35.76 7.22
CA ASP B 189 4.53 -35.72 8.60
C ASP B 189 3.07 -35.27 8.69
N TRP B 190 2.78 -34.17 8.02
CA TRP B 190 1.46 -33.52 8.06
C TRP B 190 0.43 -34.23 7.18
N LEU B 191 0.77 -34.43 5.91
CA LEU B 191 -0.22 -34.88 4.92
C LEU B 191 -0.33 -36.41 4.77
N ILE B 192 0.74 -37.13 5.15
CA ILE B 192 0.72 -38.59 5.12
C ILE B 192 0.52 -39.16 6.54
N HIS B 193 1.41 -38.80 7.46
CA HIS B 193 1.52 -39.49 8.74
C HIS B 193 0.66 -38.95 9.87
N GLN B 194 -0.25 -38.02 9.53
CA GLN B 194 -1.25 -37.47 10.47
C GLN B 194 -0.64 -36.93 11.79
N ARG B 195 0.54 -36.31 11.69
CA ARG B 195 1.28 -35.87 12.87
C ARG B 195 0.86 -34.47 13.37
N ARG B 196 0.10 -33.75 12.56
CA ARG B 196 -0.35 -32.41 12.94
C ARG B 196 -1.82 -32.42 13.40
N PRO B 197 -2.19 -31.47 14.29
CA PRO B 197 -3.54 -31.39 14.87
C PRO B 197 -4.62 -31.28 13.83
N GLN B 198 -4.29 -30.71 12.67
CA GLN B 198 -5.25 -30.46 11.61
C GLN B 198 -5.68 -31.75 10.91
N SER B 199 -6.97 -31.81 10.56
CA SER B 199 -7.51 -32.86 9.70
C SER B 199 -8.66 -32.40 8.78
N CYS B 200 -8.45 -32.59 7.49
CA CYS B 200 -9.52 -32.71 6.48
C CYS B 200 -9.06 -33.82 5.54
N LYS B 201 -9.84 -34.13 4.52
CA LYS B 201 -9.42 -35.15 3.55
C LYS B 201 -8.16 -34.74 2.77
N VAL B 202 -7.28 -35.71 2.52
CA VAL B 202 -6.06 -35.52 1.74
C VAL B 202 -6.11 -36.43 0.52
N LEU B 203 -5.94 -35.84 -0.66
CA LEU B 203 -5.78 -36.59 -1.90
C LEU B 203 -4.30 -36.57 -2.32
N VAL B 204 -3.68 -37.75 -2.29
CA VAL B 204 -2.27 -37.87 -2.65
C VAL B 204 -2.10 -38.14 -4.15
N LEU B 205 -1.22 -37.37 -4.77
CA LEU B 205 -0.93 -37.46 -6.19
C LEU B 205 0.56 -37.61 -6.38
N ASP B 206 0.95 -38.50 -7.30
CA ASP B 206 2.36 -38.67 -7.67
C ASP B 206 2.75 -37.57 -8.64
N ALA B 207 3.57 -36.63 -8.16
CA ALA B 207 3.96 -35.49 -8.97
C ALA B 207 5.40 -35.64 -9.45
N ASP B 208 5.93 -36.85 -9.33
CA ASP B 208 7.22 -37.20 -9.94
C ASP B 208 7.07 -37.43 -11.45
N LEU B 209 5.82 -37.47 -11.92
CA LEU B 209 5.49 -37.76 -13.32
C LEU B 209 5.97 -36.71 -14.32
N THR C 12 -20.99 14.42 -15.41
CA THR C 12 -21.09 13.91 -13.99
C THR C 12 -19.76 13.38 -13.48
N LYS C 13 -19.12 14.17 -12.63
CA LYS C 13 -17.81 13.86 -12.11
C LYS C 13 -17.88 13.04 -10.82
N TYR C 14 -16.82 12.29 -10.55
CA TYR C 14 -16.63 11.62 -9.25
C TYR C 14 -16.71 12.63 -8.10
N ALA C 15 -17.38 12.22 -7.02
CA ALA C 15 -17.61 13.06 -5.83
C ALA C 15 -18.62 14.21 -6.00
N GLU C 16 -19.09 14.46 -7.23
CA GLU C 16 -20.13 15.47 -7.49
C GLU C 16 -21.38 15.28 -6.61
N GLY C 17 -21.76 16.33 -5.91
CA GLY C 17 -22.93 16.29 -5.03
C GLY C 17 -22.74 15.63 -3.68
N THR C 18 -21.53 15.18 -3.39
CA THR C 18 -21.25 14.45 -2.13
C THR C 18 -20.53 15.31 -1.07
N GLN C 19 -20.23 16.57 -1.40
CA GLN C 19 -19.33 17.39 -0.59
C GLN C 19 -20.02 18.58 0.08
N PRO C 20 -19.62 18.88 1.34
CA PRO C 20 -20.13 20.08 2.01
C PRO C 20 -19.33 21.32 1.64
N PHE C 21 -19.77 22.46 2.14
CA PHE C 21 -19.05 23.72 2.02
C PHE C 21 -17.57 23.48 2.38
N THR C 22 -16.67 23.92 1.50
CA THR C 22 -15.26 23.55 1.65
C THR C 22 -14.31 24.74 1.76
N VAL C 23 -13.51 24.76 2.83
CA VAL C 23 -12.52 25.80 3.01
C VAL C 23 -11.10 25.27 2.74
N LEU C 24 -10.32 26.01 1.98
CA LEU C 24 -8.96 25.63 1.71
C LEU C 24 -8.02 26.62 2.39
N ILE C 25 -7.06 26.10 3.14
CA ILE C 25 -6.06 26.94 3.80
C ILE C 25 -4.81 27.01 2.94
N GLU C 26 -4.52 28.20 2.43
CA GLU C 26 -3.39 28.40 1.55
C GLU C 26 -2.43 29.46 2.07
N GLY C 27 -1.21 29.43 1.52
CA GLY C 27 -0.15 30.32 1.95
C GLY C 27 1.19 29.69 1.64
N ASN C 28 2.23 30.50 1.67
CA ASN C 28 3.58 30.04 1.38
C ASN C 28 4.04 28.94 2.34
N ILE C 29 5.16 28.30 2.00
CA ILE C 29 5.84 27.41 2.94
C ILE C 29 6.11 28.19 4.22
N GLY C 30 5.77 27.58 5.37
CA GLY C 30 5.99 28.21 6.67
C GLY C 30 5.09 29.40 6.97
N SER C 31 3.91 29.46 6.38
CA SER C 31 3.03 30.57 6.68
C SER C 31 2.18 30.28 7.91
N GLY C 32 2.31 29.05 8.44
CA GLY C 32 1.56 28.62 9.61
C GLY C 32 0.20 28.01 9.30
N LYS C 33 0.06 27.36 8.14
CA LYS C 33 -1.21 26.68 7.78
C LYS C 33 -1.68 25.65 8.80
N THR C 34 -0.77 24.76 9.21
CA THR C 34 -1.08 23.71 10.20
C THR C 34 -1.40 24.32 11.58
N THR C 35 -0.60 25.29 12.02
CA THR C 35 -0.84 25.98 13.31
C THR C 35 -2.24 26.62 13.32
N TYR C 36 -2.63 27.19 12.19
CA TYR C 36 -3.95 27.78 12.05
C TYR C 36 -5.06 26.74 12.18
N LEU C 37 -4.93 25.64 11.44
CA LEU C 37 -5.89 24.53 11.46
C LEU C 37 -6.04 23.83 12.80
N ASN C 38 -4.96 23.85 13.60
CA ASN C 38 -5.00 23.33 14.96
C ASN C 38 -6.08 23.97 15.83
N HIS C 39 -6.38 25.24 15.58
CA HIS C 39 -7.44 25.96 16.29
C HIS C 39 -8.82 25.34 16.12
N PHE C 40 -9.01 24.58 15.04
CA PHE C 40 -10.31 23.97 14.75
C PHE C 40 -10.48 22.58 15.34
N GLU C 41 -9.51 22.15 16.15
CA GLU C 41 -9.45 20.79 16.73
C GLU C 41 -10.62 20.40 17.62
N LYS C 42 -11.08 21.33 18.45
CA LYS C 42 -12.22 21.09 19.35
C LYS C 42 -13.53 20.82 18.60
N TYR C 43 -13.64 21.35 17.38
CA TYR C 43 -14.84 21.26 16.57
C TYR C 43 -14.86 20.05 15.64
N LYS C 44 -14.00 19.06 15.91
CA LYS C 44 -13.80 17.89 15.06
C LYS C 44 -15.06 17.08 14.73
N ASN C 45 -16.09 17.20 15.57
CA ASN C 45 -17.36 16.51 15.34
C ASN C 45 -18.21 17.08 14.22
N ASP C 46 -18.01 18.36 13.91
CA ASP C 46 -18.84 19.06 12.94
C ASP C 46 -18.07 19.55 11.72
N ILE C 47 -16.76 19.40 11.77
CA ILE C 47 -15.88 19.80 10.68
C ILE C 47 -15.03 18.62 10.23
N CYS C 48 -14.94 18.38 8.92
CA CYS C 48 -14.00 17.43 8.37
C CYS C 48 -12.68 18.15 8.15
N LEU C 49 -11.66 17.77 8.93
CA LEU C 49 -10.38 18.48 8.96
C LEU C 49 -9.26 17.61 8.40
N LEU C 50 -8.63 18.09 7.33
CA LEU C 50 -7.61 17.31 6.63
C LEU C 50 -6.36 18.15 6.52
N THR C 51 -5.48 17.90 7.49
CA THR C 51 -4.34 18.75 7.74
C THR C 51 -3.01 18.02 7.53
N GLU C 52 -1.95 18.84 7.50
CA GLU C 52 -0.59 18.39 7.32
C GLU C 52 -0.41 17.25 6.32
N PRO C 53 -0.77 17.49 5.02
CA PRO C 53 -0.54 16.50 3.96
C PRO C 53 0.94 16.13 3.77
N VAL C 54 1.85 17.00 4.19
CA VAL C 54 3.30 16.78 4.03
C VAL C 54 3.84 15.49 4.66
N GLU C 55 3.15 15.03 5.72
CA GLU C 55 3.53 13.77 6.35
C GLU C 55 3.33 12.59 5.40
N LYS C 56 2.29 12.68 4.57
CA LYS C 56 2.08 11.73 3.47
C LYS C 56 3.25 11.68 2.47
N TRP C 57 3.72 12.86 2.05
CA TRP C 57 4.74 12.99 1.01
C TRP C 57 6.15 12.60 1.49
N ARG C 58 6.31 12.50 2.81
CA ARG C 58 7.57 12.03 3.40
C ARG C 58 7.56 10.53 3.66
N ASN C 59 6.42 9.87 3.45
CA ASN C 59 6.28 8.47 3.78
C ASN C 59 5.26 7.80 2.84
N VAL C 60 5.75 7.46 1.66
CA VAL C 60 4.92 6.80 0.68
C VAL C 60 5.37 5.33 0.79
N ASN C 61 4.65 4.53 1.58
CA ASN C 61 5.14 3.19 1.98
C ASN C 61 6.65 3.19 2.27
N GLY C 62 7.13 4.16 3.03
CA GLY C 62 8.54 4.19 3.42
C GLY C 62 9.41 5.20 2.69
N VAL C 63 9.05 5.48 1.44
CA VAL C 63 9.83 6.35 0.58
C VAL C 63 9.46 7.82 0.90
N ASN C 64 10.49 8.66 1.05
CA ASN C 64 10.35 10.09 1.28
C ASN C 64 10.52 10.86 -0.03
N LEU C 65 9.41 11.06 -0.73
CA LEU C 65 9.41 11.80 -2.00
C LEU C 65 9.88 13.26 -1.88
N LEU C 66 9.49 13.92 -0.79
CA LEU C 66 9.91 15.30 -0.51
C LEU C 66 11.43 15.40 -0.48
N GLU C 67 12.08 14.50 0.25
CA GLU C 67 13.53 14.42 0.32
C GLU C 67 14.14 14.22 -1.08
N LEU C 68 13.62 13.24 -1.81
CA LEU C 68 14.12 12.95 -3.14
C LEU C 68 13.93 14.15 -4.04
N MET C 69 12.78 14.82 -3.94
CA MET C 69 12.53 15.97 -4.78
C MET C 69 13.59 17.07 -4.66
N TYR C 70 13.87 17.54 -3.44
CA TYR C 70 14.87 18.61 -3.22
C TYR C 70 16.31 18.22 -3.59
N LYS C 71 16.66 16.95 -3.41
CA LYS C 71 17.99 16.44 -3.77
C LYS C 71 18.22 16.45 -5.28
N ASP C 72 17.19 16.01 -6.03
CA ASP C 72 17.33 15.73 -7.44
C ASP C 72 16.04 16.14 -8.15
N PRO C 73 15.74 17.44 -8.22
CA PRO C 73 14.46 17.85 -8.79
C PRO C 73 14.23 17.47 -10.27
N LYS C 74 15.27 17.46 -11.08
CA LYS C 74 15.12 17.14 -12.50
C LYS C 74 14.63 15.71 -12.72
N LYS C 75 14.96 14.80 -11.80
CA LYS C 75 14.42 13.45 -11.80
C LYS C 75 13.12 13.26 -10.95
N TRP C 76 13.02 13.96 -9.82
CA TRP C 76 12.00 13.61 -8.80
C TRP C 76 10.83 14.56 -8.62
N ALA C 77 10.95 15.75 -9.20
CA ALA C 77 9.92 16.78 -9.08
C ALA C 77 8.60 16.37 -9.72
N MET C 78 8.65 15.63 -10.83
CA MET C 78 7.42 15.22 -11.50
C MET C 78 6.71 14.12 -10.71
N PRO C 79 7.43 13.06 -10.32
CA PRO C 79 6.67 12.14 -9.45
C PRO C 79 6.25 12.73 -8.09
N PHE C 80 7.05 13.63 -7.51
CA PHE C 80 6.62 14.32 -6.28
C PHE C 80 5.31 15.09 -6.50
N GLN C 81 5.28 15.94 -7.52
CA GLN C 81 4.09 16.76 -7.77
C GLN C 81 2.90 15.91 -8.23
N SER C 82 3.19 14.85 -8.97
CA SER C 82 2.17 13.84 -9.28
C SER C 82 1.57 13.23 -8.00
N TYR C 83 2.44 12.87 -7.07
CA TYR C 83 1.94 12.29 -5.83
C TYR C 83 1.19 13.30 -4.95
N VAL C 84 1.63 14.57 -4.94
CA VAL C 84 0.89 15.66 -4.26
C VAL C 84 -0.51 15.84 -4.81
N THR C 85 -0.59 15.97 -6.13
CA THR C 85 -1.84 16.06 -6.86
C THR C 85 -2.80 14.96 -6.41
N LEU C 86 -2.34 13.72 -6.42
CA LEU C 86 -3.12 12.60 -5.93
C LEU C 86 -3.65 12.78 -4.48
N THR C 87 -2.75 13.05 -3.53
CA THR C 87 -3.19 13.18 -2.11
C THR C 87 -4.24 14.30 -1.95
N MET C 88 -4.08 15.38 -2.72
CA MET C 88 -5.05 16.47 -2.75
C MET C 88 -6.40 15.98 -3.25
N LEU C 89 -6.39 15.35 -4.42
CA LEU C 89 -7.57 14.65 -4.93
C LEU C 89 -8.19 13.73 -3.91
N GLN C 90 -7.37 12.91 -3.25
CA GLN C 90 -7.95 11.99 -2.22
C GLN C 90 -8.67 12.78 -1.10
N SER C 91 -8.10 13.92 -0.71
CA SER C 91 -8.70 14.77 0.34
C SER C 91 -9.90 15.54 -0.18
N HIS C 92 -9.78 16.19 -1.35
CA HIS C 92 -10.91 16.88 -1.97
C HIS C 92 -12.17 16.02 -2.09
N THR C 93 -12.00 14.74 -2.41
CA THR C 93 -13.15 13.86 -2.69
C THR C 93 -13.50 12.91 -1.56
N ALA C 94 -12.75 12.94 -0.46
CA ALA C 94 -13.03 12.09 0.70
C ALA C 94 -14.50 12.25 1.10
N PRO C 95 -15.17 11.14 1.46
CA PRO C 95 -16.57 11.30 1.89
C PRO C 95 -16.64 11.82 3.32
N THR C 96 -17.73 12.50 3.64
CA THR C 96 -17.97 12.99 4.99
C THR C 96 -19.44 13.38 5.17
N ASN C 97 -19.98 13.05 6.34
CA ASN C 97 -21.34 13.47 6.72
C ASN C 97 -21.38 14.81 7.45
N LYS C 98 -20.20 15.40 7.67
CA LYS C 98 -20.07 16.67 8.37
C LYS C 98 -20.46 17.81 7.43
N LYS C 99 -20.90 18.93 7.99
CA LYS C 99 -21.44 20.03 7.17
C LYS C 99 -20.38 21.06 6.74
N LEU C 100 -19.13 20.84 7.15
CA LEU C 100 -18.02 21.71 6.76
C LEU C 100 -16.76 20.88 6.61
N LYS C 101 -16.00 21.16 5.56
CA LYS C 101 -14.69 20.57 5.34
C LYS C 101 -13.65 21.67 5.24
N ILE C 102 -12.53 21.48 5.95
CA ILE C 102 -11.39 22.40 5.93
C ILE C 102 -10.12 21.60 5.66
N MET C 103 -9.34 22.07 4.70
CA MET C 103 -8.18 21.37 4.15
C MET C 103 -6.98 22.29 4.13
N GLU C 104 -5.83 21.80 4.59
CA GLU C 104 -4.55 22.45 4.32
C GLU C 104 -4.16 22.18 2.87
N ARG C 105 -3.88 23.27 2.16
CA ARG C 105 -3.62 23.29 0.73
C ARG C 105 -4.69 22.67 -0.13
N SER C 106 -4.35 22.46 -1.40
CA SER C 106 -5.29 22.04 -2.44
C SER C 106 -4.54 21.63 -3.71
N ILE C 107 -5.26 21.06 -4.68
CA ILE C 107 -4.71 20.78 -6.02
C ILE C 107 -4.34 22.08 -6.75
N PHE C 108 -5.03 23.17 -6.41
CA PHE C 108 -4.78 24.49 -7.01
C PHE C 108 -3.38 25.09 -6.74
N SER C 109 -2.92 25.05 -5.50
CA SER C 109 -1.59 25.58 -5.20
C SER C 109 -0.57 24.73 -5.85
N ALA C 110 -0.85 23.42 -5.97
CA ALA C 110 0.10 22.55 -6.64
C ALA C 110 0.27 23.00 -8.10
N ARG C 111 -0.85 23.16 -8.80
CA ARG C 111 -0.82 23.53 -10.22
C ARG C 111 -0.34 24.96 -10.52
N TYR C 112 -0.92 25.94 -9.84
CA TYR C 112 -0.71 27.37 -10.10
C TYR C 112 0.52 27.94 -9.42
N CYS C 113 1.05 27.25 -8.41
CA CYS C 113 2.21 27.77 -7.72
C CYS C 113 3.43 26.90 -7.86
N PHE C 114 3.39 25.71 -7.29
CA PHE C 114 4.59 24.87 -7.21
C PHE C 114 5.00 24.22 -8.54
N VAL C 115 4.04 23.68 -9.29
CA VAL C 115 4.33 23.13 -10.64
C VAL C 115 4.79 24.25 -11.59
N GLU C 116 4.07 25.39 -11.64
CA GLU C 116 4.51 26.54 -12.46
C GLU C 116 5.91 27.04 -12.12
N ASN C 117 6.21 27.17 -10.82
CA ASN C 117 7.53 27.60 -10.42
C ASN C 117 8.60 26.60 -10.82
N MET C 118 8.33 25.30 -10.70
CA MET C 118 9.33 24.27 -11.07
C MET C 118 9.57 24.17 -12.58
N ARG C 119 8.57 24.52 -13.37
CA ARG C 119 8.77 24.74 -14.80
C ARG C 119 9.66 25.97 -15.04
N ARG C 120 9.29 27.12 -14.47
CA ARG C 120 10.10 28.35 -14.60
C ARG C 120 11.57 28.14 -14.23
N ASN C 121 11.85 27.49 -13.09
CA ASN C 121 13.24 27.30 -12.67
C ASN C 121 13.98 26.14 -13.35
N GLY C 122 13.24 25.34 -14.12
CA GLY C 122 13.82 24.27 -14.93
C GLY C 122 13.85 22.87 -14.33
N SER C 123 13.30 22.72 -13.12
CA SER C 123 13.30 21.42 -12.42
C SER C 123 12.35 20.43 -13.09
N LEU C 124 11.26 20.95 -13.67
CA LEU C 124 10.37 20.20 -14.53
C LEU C 124 10.69 20.59 -15.96
N GLU C 125 11.11 19.65 -16.78
CA GLU C 125 11.33 19.94 -18.20
C GLU C 125 9.98 19.96 -18.88
N GLN C 126 9.90 20.57 -20.05
CA GLN C 126 8.63 20.69 -20.80
C GLN C 126 7.79 19.42 -20.80
N GLY C 127 8.42 18.29 -21.09
CA GLY C 127 7.72 17.00 -21.20
C GLY C 127 7.01 16.61 -19.91
N MET C 128 7.67 16.88 -18.78
CA MET C 128 7.09 16.68 -17.45
C MET C 128 5.97 17.68 -17.14
N TYR C 129 6.23 18.95 -17.41
CA TYR C 129 5.21 19.97 -17.22
C TYR C 129 3.95 19.69 -18.03
N ASN C 130 4.14 19.34 -19.31
CA ASN C 130 3.09 18.99 -20.27
C ASN C 130 2.23 17.84 -19.78
N THR C 131 2.88 16.83 -19.22
CA THR C 131 2.22 15.63 -18.72
C THR C 131 1.37 16.01 -17.50
N LEU C 132 1.91 16.87 -16.65
CA LEU C 132 1.17 17.35 -15.46
C LEU C 132 -0.07 18.19 -15.83
N GLU C 133 0.10 19.14 -16.74
CA GLU C 133 -0.98 20.00 -17.24
C GLU C 133 -2.10 19.26 -17.96
N GLU C 134 -1.72 18.23 -18.72
CA GLU C 134 -2.72 17.41 -19.38
C GLU C 134 -3.50 16.61 -18.35
N TRP C 135 -2.81 16.13 -17.32
CA TRP C 135 -3.47 15.52 -16.15
C TRP C 135 -4.44 16.49 -15.46
N TYR C 136 -3.93 17.68 -15.11
CA TYR C 136 -4.78 18.76 -14.57
C TYR C 136 -6.08 19.01 -15.36
N LYS C 137 -5.95 19.06 -16.69
CA LYS C 137 -7.11 19.27 -17.56
C LYS C 137 -8.08 18.09 -17.48
N PHE C 138 -7.59 16.86 -17.61
CA PHE C 138 -8.45 15.70 -17.46
C PHE C 138 -9.09 15.66 -16.08
N ILE C 139 -8.34 16.00 -15.02
CA ILE C 139 -8.93 16.06 -13.66
C ILE C 139 -10.10 17.09 -13.59
N GLU C 140 -9.95 18.25 -14.23
CA GLU C 140 -11.06 19.23 -14.31
C GLU C 140 -12.35 18.62 -14.87
N GLU C 141 -12.21 17.83 -15.93
CA GLU C 141 -13.35 17.14 -16.58
C GLU C 141 -13.93 15.99 -15.76
N SER C 142 -13.11 15.30 -14.97
CA SER C 142 -13.55 14.01 -14.42
C SER C 142 -13.87 13.98 -12.93
N ILE C 143 -13.29 14.89 -12.17
CA ILE C 143 -13.38 14.80 -10.70
C ILE C 143 -13.86 16.13 -10.11
N HIS C 144 -14.90 16.08 -9.28
CA HIS C 144 -15.41 17.27 -8.60
C HIS C 144 -14.47 17.72 -7.49
N VAL C 145 -14.03 18.97 -7.60
CA VAL C 145 -13.23 19.63 -6.56
C VAL C 145 -14.02 20.81 -5.93
N GLN C 146 -14.66 20.51 -4.81
CA GLN C 146 -15.44 21.49 -4.04
C GLN C 146 -14.54 22.54 -3.39
N ALA C 147 -14.82 23.81 -3.67
CA ALA C 147 -14.09 24.91 -3.07
C ALA C 147 -14.96 26.16 -2.96
N ASP C 148 -15.35 26.50 -1.73
CA ASP C 148 -16.19 27.67 -1.50
C ASP C 148 -15.44 28.82 -0.87
N LEU C 149 -14.42 28.53 -0.06
CA LEU C 149 -13.64 29.61 0.51
C LEU C 149 -12.17 29.23 0.59
N ILE C 150 -11.31 30.16 0.18
CA ILE C 150 -9.88 30.03 0.43
C ILE C 150 -9.43 31.04 1.48
N ILE C 151 -8.88 30.53 2.58
CA ILE C 151 -8.22 31.39 3.54
C ILE C 151 -6.75 31.50 3.18
N TYR C 152 -6.35 32.72 2.86
CA TYR C 152 -4.99 33.01 2.44
C TYR C 152 -4.21 33.61 3.59
N LEU C 153 -3.23 32.84 4.08
CA LEU C 153 -2.32 33.24 5.16
C LEU C 153 -1.13 33.93 4.53
N ARG C 154 -1.25 35.25 4.42
CA ARG C 154 -0.32 36.06 3.66
C ARG C 154 0.88 36.47 4.50
N THR C 155 2.06 36.34 3.92
CA THR C 155 3.30 36.64 4.62
C THR C 155 4.26 37.34 3.67
N SER C 156 5.31 37.93 4.20
CA SER C 156 6.40 38.35 3.36
C SER C 156 7.31 37.13 3.20
N PRO C 157 7.98 37.01 2.03
CA PRO C 157 8.93 35.92 1.83
C PRO C 157 9.93 35.76 2.98
N GLU C 158 10.27 36.87 3.62
CA GLU C 158 11.26 36.90 4.71
C GLU C 158 10.76 36.24 5.99
N VAL C 159 9.51 36.50 6.35
CA VAL C 159 8.90 35.84 7.51
C VAL C 159 8.76 34.33 7.25
N ALA C 160 8.30 33.97 6.05
CA ALA C 160 8.21 32.58 5.65
C ALA C 160 9.56 31.87 5.75
N TYR C 161 10.63 32.56 5.34
CA TYR C 161 12.00 32.02 5.40
C TYR C 161 12.49 31.83 6.84
N GLU C 162 12.13 32.78 7.71
CA GLU C 162 12.46 32.67 9.12
C GLU C 162 11.83 31.43 9.75
N ARG C 163 10.52 31.26 9.54
CA ARG C 163 9.80 30.09 10.04
C ARG C 163 10.31 28.78 9.46
N ILE C 164 10.86 28.83 8.25
CA ILE C 164 11.47 27.66 7.60
C ILE C 164 12.81 27.31 8.27
N ARG C 165 13.61 28.34 8.53
CA ARG C 165 14.91 28.15 9.15
C ARG C 165 14.74 27.67 10.59
N GLN C 166 13.77 28.24 11.29
CA GLN C 166 13.46 27.87 12.66
C GLN C 166 12.96 26.42 12.81
N ARG C 167 12.04 26.01 11.93
CA ARG C 167 11.50 24.67 11.92
C ARG C 167 12.57 23.61 11.60
N ALA C 168 13.46 23.92 10.67
CA ALA C 168 14.61 23.06 10.31
C ALA C 168 14.27 21.61 9.89
N ARG C 169 13.20 21.43 9.12
CA ARG C 169 12.97 20.19 8.38
C ARG C 169 14.20 19.90 7.56
N SER C 170 14.83 18.73 7.72
CA SER C 170 16.06 18.44 6.96
C SER C 170 15.93 18.63 5.44
N GLU C 171 14.85 18.09 4.86
CA GLU C 171 14.57 18.20 3.41
C GLU C 171 14.70 19.63 2.89
N GLU C 172 14.40 20.61 3.75
CA GLU C 172 14.30 22.03 3.38
C GLU C 172 15.59 22.83 3.61
N SER C 173 16.66 22.14 4.03
CA SER C 173 17.90 22.78 4.45
C SER C 173 18.55 23.64 3.37
N CYS C 174 18.23 23.37 2.11
CA CYS C 174 18.86 24.12 1.04
C CYS C 174 17.93 25.10 0.35
N VAL C 175 16.69 25.19 0.82
CA VAL C 175 15.70 26.11 0.23
C VAL C 175 16.17 27.57 0.43
N PRO C 176 16.45 28.27 -0.69
CA PRO C 176 16.86 29.68 -0.59
C PRO C 176 15.67 30.63 -0.44
N LEU C 177 15.94 31.85 0.01
CA LEU C 177 14.92 32.91 0.09
C LEU C 177 14.26 33.21 -1.26
N LYS C 178 15.06 33.26 -2.32
CA LYS C 178 14.58 33.56 -3.69
C LYS C 178 13.42 32.64 -4.11
N TYR C 179 13.58 31.34 -3.82
CA TYR C 179 12.53 30.34 -4.05
C TYR C 179 11.23 30.68 -3.31
N LEU C 180 11.33 31.14 -2.07
CA LEU C 180 10.16 31.64 -1.33
C LEU C 180 9.59 32.94 -1.89
N GLN C 181 10.46 33.77 -2.46
CA GLN C 181 10.01 35.02 -3.10
C GLN C 181 9.22 34.65 -4.34
N GLU C 182 9.81 33.85 -5.21
CA GLU C 182 9.12 33.27 -6.39
C GLU C 182 7.75 32.67 -6.03
N LEU C 183 7.70 31.76 -5.04
CA LEU C 183 6.44 31.17 -4.56
C LEU C 183 5.44 32.20 -3.99
N HIS C 184 5.94 33.21 -3.29
CA HIS C 184 5.09 34.29 -2.78
C HIS C 184 4.34 35.03 -3.91
N GLU C 185 5.08 35.45 -4.94
CA GLU C 185 4.48 36.13 -6.09
C GLU C 185 3.42 35.28 -6.78
N LEU C 186 3.66 33.95 -6.86
CA LEU C 186 2.68 33.05 -7.48
C LEU C 186 1.41 32.90 -6.68
N HIS C 187 1.54 32.76 -5.36
CA HIS C 187 0.38 32.83 -4.46
C HIS C 187 -0.34 34.17 -4.61
N GLU C 188 0.44 35.26 -4.69
CA GLU C 188 -0.13 36.61 -4.96
C GLU C 188 -0.86 36.68 -6.29
N ASP C 189 -0.24 36.15 -7.35
CA ASP C 189 -0.83 36.12 -8.70
C ASP C 189 -2.19 35.44 -8.70
N TRP C 190 -2.32 34.38 -7.90
CA TRP C 190 -3.52 33.54 -7.91
C TRP C 190 -4.58 34.04 -6.93
N LEU C 191 -4.11 34.37 -5.72
CA LEU C 191 -5.00 34.67 -4.62
C LEU C 191 -5.39 36.15 -4.48
N ILE C 192 -4.53 37.06 -4.94
CA ILE C 192 -4.82 38.50 -4.88
C ILE C 192 -5.18 39.00 -6.28
N HIS C 193 -4.28 38.78 -7.23
CA HIS C 193 -4.38 39.41 -8.55
C HIS C 193 -5.26 38.69 -9.58
N GLN C 194 -5.94 37.62 -9.16
CA GLN C 194 -6.96 36.94 -9.97
C GLN C 194 -6.46 36.53 -11.37
N ARG C 195 -5.21 36.06 -11.43
CA ARG C 195 -4.57 35.75 -12.72
C ARG C 195 -4.80 34.30 -13.18
N ARG C 196 -5.39 33.47 -12.32
CA ARG C 196 -5.78 32.10 -12.65
C ARG C 196 -7.29 31.97 -12.85
N PRO C 197 -7.74 30.96 -13.63
CA PRO C 197 -9.16 30.82 -13.96
C PRO C 197 -10.05 30.40 -12.80
N GLN C 198 -9.44 30.06 -11.66
CA GLN C 198 -10.15 29.80 -10.40
C GLN C 198 -10.04 31.02 -9.45
N SER C 199 -11.15 31.55 -8.92
CA SER C 199 -12.58 31.24 -9.19
C SER C 199 -13.56 30.92 -8.03
N CYS C 200 -13.10 31.11 -6.79
CA CYS C 200 -13.98 31.22 -5.60
C CYS C 200 -13.56 32.34 -4.63
N LYS C 201 -14.33 32.53 -3.56
CA LYS C 201 -14.06 33.61 -2.60
C LYS C 201 -12.76 33.38 -1.83
N VAL C 202 -12.09 34.48 -1.48
CA VAL C 202 -10.81 34.46 -0.77
C VAL C 202 -10.86 35.43 0.42
N LEU C 203 -10.48 34.93 1.61
CA LEU C 203 -10.25 35.77 2.77
C LEU C 203 -8.75 35.88 3.04
N VAL C 204 -8.24 37.11 3.01
CA VAL C 204 -6.81 37.34 3.20
C VAL C 204 -6.53 37.69 4.67
N LEU C 205 -5.65 36.90 5.28
CA LEU C 205 -5.25 37.07 6.67
C LEU C 205 -3.80 37.45 6.74
N ASP C 206 -3.47 38.40 7.61
CA ASP C 206 -2.07 38.78 7.82
C ASP C 206 -1.44 37.75 8.75
N ALA C 207 -0.55 36.93 8.21
CA ALA C 207 0.12 35.89 8.97
C ALA C 207 1.54 36.30 9.38
N ASP C 208 1.86 37.57 9.15
CA ASP C 208 3.15 38.13 9.60
C ASP C 208 3.13 38.50 11.09
N THR D 12 -20.84 7.19 -7.40
CA THR D 12 -20.72 6.75 -8.83
C THR D 12 -19.48 7.34 -9.50
N LYS D 13 -18.86 6.57 -10.39
CA LYS D 13 -17.59 6.96 -10.97
C LYS D 13 -17.81 7.81 -12.23
N TYR D 14 -16.80 8.57 -12.60
CA TYR D 14 -16.84 9.27 -13.87
C TYR D 14 -16.94 8.29 -15.05
N ALA D 15 -17.88 8.59 -15.97
CA ALA D 15 -18.17 7.80 -17.18
C ALA D 15 -19.06 6.57 -16.94
N GLU D 16 -19.43 6.35 -15.67
CA GLU D 16 -20.31 5.25 -15.30
C GLU D 16 -21.68 5.38 -16.00
N GLY D 17 -22.11 4.30 -16.63
CA GLY D 17 -23.41 4.28 -17.33
C GLY D 17 -23.41 5.02 -18.65
N THR D 18 -22.23 5.49 -19.09
CA THR D 18 -22.14 6.25 -20.34
C THR D 18 -21.49 5.45 -21.48
N GLN D 19 -21.12 4.21 -21.21
CA GLN D 19 -20.22 3.48 -22.10
C GLN D 19 -20.85 2.24 -22.70
N PRO D 20 -20.62 2.02 -24.02
CA PRO D 20 -21.18 0.87 -24.73
C PRO D 20 -20.34 -0.36 -24.49
N PHE D 21 -20.75 -1.49 -25.05
CA PHE D 21 -19.93 -2.70 -25.06
C PHE D 21 -18.53 -2.27 -25.54
N THR D 22 -17.48 -2.66 -24.83
CA THR D 22 -16.14 -2.18 -25.17
C THR D 22 -15.18 -3.34 -25.31
N VAL D 23 -14.40 -3.30 -26.38
CA VAL D 23 -13.44 -4.32 -26.69
C VAL D 23 -12.06 -3.65 -26.67
N LEU D 24 -11.11 -4.34 -26.03
CA LEU D 24 -9.75 -3.87 -25.90
C LEU D 24 -8.88 -4.83 -26.68
N ILE D 25 -8.08 -4.31 -27.60
CA ILE D 25 -7.12 -5.12 -28.34
C ILE D 25 -5.78 -5.06 -27.66
N GLU D 26 -5.33 -6.21 -27.18
CA GLU D 26 -4.07 -6.30 -26.46
C GLU D 26 -3.07 -7.27 -27.08
N GLY D 27 -1.80 -7.10 -26.76
CA GLY D 27 -0.78 -7.99 -27.28
C GLY D 27 0.54 -7.32 -27.11
N ASN D 28 1.63 -8.07 -27.27
CA ASN D 28 2.98 -7.53 -27.14
C ASN D 28 3.21 -6.43 -28.14
N ILE D 29 4.33 -5.70 -27.98
CA ILE D 29 4.80 -4.77 -28.97
C ILE D 29 4.99 -5.51 -30.27
N GLY D 30 4.48 -4.92 -31.35
CA GLY D 30 4.63 -5.44 -32.70
C GLY D 30 3.78 -6.65 -32.99
N SER D 31 2.74 -6.89 -32.20
CA SER D 31 1.88 -8.05 -32.39
C SER D 31 0.86 -7.88 -33.53
N GLY D 32 0.70 -6.65 -34.01
CA GLY D 32 -0.25 -6.33 -35.08
C GLY D 32 -1.61 -5.86 -34.60
N LYS D 33 -1.63 -5.05 -33.54
CA LYS D 33 -2.88 -4.52 -32.97
C LYS D 33 -3.55 -3.46 -33.85
N THR D 34 -2.76 -2.53 -34.39
CA THR D 34 -3.27 -1.48 -35.29
C THR D 34 -3.75 -2.11 -36.61
N THR D 35 -2.96 -3.02 -37.16
CA THR D 35 -3.36 -3.77 -38.34
C THR D 35 -4.71 -4.48 -38.10
N TYR D 36 -4.83 -5.19 -36.98
CA TYR D 36 -6.09 -5.85 -36.64
C TYR D 36 -7.28 -4.87 -36.58
N LEU D 37 -7.07 -3.75 -35.90
CA LEU D 37 -8.08 -2.70 -35.76
C LEU D 37 -8.40 -1.96 -37.05
N ASN D 38 -7.42 -1.92 -37.95
CA ASN D 38 -7.58 -1.31 -39.29
C ASN D 38 -8.75 -1.92 -40.06
N HIS D 39 -9.00 -3.20 -39.84
CA HIS D 39 -10.01 -3.94 -40.58
C HIS D 39 -11.43 -3.62 -40.12
N PHE D 40 -11.54 -2.66 -39.20
CA PHE D 40 -12.85 -2.19 -38.73
C PHE D 40 -13.16 -0.78 -39.26
N GLU D 41 -12.20 -0.16 -39.93
CA GLU D 41 -12.31 1.22 -40.42
C GLU D 41 -13.58 1.45 -41.22
N LYS D 42 -13.84 0.55 -42.17
CA LYS D 42 -15.06 0.64 -43.00
C LYS D 42 -16.36 0.65 -42.20
N TYR D 43 -16.26 0.37 -40.91
CA TYR D 43 -17.43 0.42 -40.02
C TYR D 43 -17.32 1.50 -38.94
N LYS D 44 -16.54 2.55 -39.23
CA LYS D 44 -16.32 3.71 -38.34
C LYS D 44 -17.60 4.39 -37.85
N ASN D 45 -18.66 4.34 -38.66
CA ASN D 45 -19.91 5.01 -38.33
C ASN D 45 -20.78 4.21 -37.37
N ASP D 46 -20.52 2.90 -37.26
CA ASP D 46 -21.20 2.00 -36.32
C ASP D 46 -20.38 1.69 -35.06
N ILE D 47 -19.07 1.96 -35.12
CA ILE D 47 -18.15 1.62 -34.05
C ILE D 47 -17.25 2.79 -33.67
N CYS D 48 -17.12 3.02 -32.36
CA CYS D 48 -16.08 3.92 -31.86
C CYS D 48 -14.73 3.21 -31.83
N LEU D 49 -13.83 3.61 -32.74
CA LEU D 49 -12.50 3.02 -32.86
C LEU D 49 -11.45 3.99 -32.35
N LEU D 50 -10.71 3.58 -31.32
CA LEU D 50 -9.65 4.43 -30.74
C LEU D 50 -8.35 3.67 -30.85
N THR D 51 -7.59 4.01 -31.87
CA THR D 51 -6.46 3.20 -32.26
C THR D 51 -5.17 4.00 -32.24
N GLU D 52 -4.06 3.26 -32.26
CA GLU D 52 -2.71 3.80 -32.35
C GLU D 52 -2.33 4.92 -31.36
N PRO D 53 -2.46 4.65 -30.05
CA PRO D 53 -2.13 5.65 -29.03
C PRO D 53 -0.66 6.07 -29.05
N VAL D 54 0.25 5.22 -29.55
CA VAL D 54 1.69 5.59 -29.66
C VAL D 54 1.93 6.93 -30.36
N GLU D 55 1.02 7.32 -31.25
CA GLU D 55 1.16 8.59 -31.95
C GLU D 55 1.04 9.82 -31.05
N LYS D 56 0.28 9.68 -29.96
CA LYS D 56 0.15 10.74 -28.98
C LYS D 56 1.40 10.83 -28.11
N TRP D 57 1.94 9.67 -27.73
CA TRP D 57 3.15 9.60 -26.89
C TRP D 57 4.42 10.15 -27.57
N ARG D 58 4.41 10.12 -28.90
CA ARG D 58 5.54 10.61 -29.70
C ARG D 58 5.51 12.11 -29.95
N ASN D 59 4.38 12.76 -29.64
CA ASN D 59 4.22 14.20 -29.85
C ASN D 59 3.20 14.81 -28.89
N VAL D 60 3.69 15.24 -27.73
CA VAL D 60 2.90 15.93 -26.72
C VAL D 60 3.29 17.39 -26.79
N ASN D 61 2.46 18.21 -27.45
CA ASN D 61 2.82 19.59 -27.79
C ASN D 61 4.25 19.74 -28.36
N GLY D 62 4.70 18.67 -29.01
CA GLY D 62 6.00 18.69 -29.69
C GLY D 62 7.04 17.81 -29.06
N VAL D 63 6.76 17.33 -27.84
CA VAL D 63 7.74 16.55 -27.08
C VAL D 63 7.54 15.05 -27.29
N ASN D 64 8.65 14.36 -27.57
CA ASN D 64 8.64 12.92 -27.80
C ASN D 64 8.97 12.13 -26.54
N LEU D 65 7.94 11.85 -25.74
CA LEU D 65 8.12 11.13 -24.48
C LEU D 65 8.60 9.70 -24.69
N LEU D 66 8.14 9.04 -25.76
CA LEU D 66 8.59 7.66 -26.06
C LEU D 66 10.11 7.60 -26.24
N GLU D 67 10.62 8.50 -27.06
CA GLU D 67 12.06 8.64 -27.31
C GLU D 67 12.86 8.95 -26.05
N LEU D 68 12.39 9.89 -25.25
CA LEU D 68 13.00 10.22 -23.95
C LEU D 68 12.99 9.03 -22.97
N MET D 69 11.87 8.33 -22.92
CA MET D 69 11.77 7.15 -22.07
C MET D 69 12.85 6.18 -22.49
N TYR D 70 12.93 5.87 -23.78
CA TYR D 70 13.90 4.88 -24.25
C TYR D 70 15.36 5.31 -24.03
N LYS D 71 15.65 6.58 -24.29
CA LYS D 71 16.98 7.14 -24.06
C LYS D 71 17.37 7.19 -22.59
N ASP D 72 16.45 7.60 -21.72
CA ASP D 72 16.76 7.87 -20.31
C ASP D 72 15.60 7.38 -19.38
N PRO D 73 15.42 6.06 -19.27
CA PRO D 73 14.21 5.58 -18.59
C PRO D 73 14.12 6.04 -17.13
N LYS D 74 15.23 6.10 -16.43
CA LYS D 74 15.22 6.45 -15.01
C LYS D 74 14.69 7.85 -14.72
N LYS D 75 14.84 8.77 -15.67
CA LYS D 75 14.26 10.11 -15.58
C LYS D 75 12.88 10.19 -16.25
N TRP D 76 12.72 9.46 -17.36
CA TRP D 76 11.59 9.69 -18.24
C TRP D 76 10.53 8.58 -18.28
N ALA D 77 10.82 7.44 -17.68
CA ALA D 77 9.85 6.34 -17.60
C ALA D 77 8.60 6.66 -16.78
N MET D 78 8.77 7.35 -15.65
CA MET D 78 7.60 7.73 -14.81
C MET D 78 6.66 8.69 -15.54
N PRO D 79 7.18 9.83 -16.05
CA PRO D 79 6.29 10.73 -16.79
C PRO D 79 5.69 10.12 -18.06
N PHE D 80 6.45 9.27 -18.72
CA PHE D 80 5.93 8.50 -19.85
C PHE D 80 4.73 7.65 -19.44
N GLN D 81 4.89 6.76 -18.45
CA GLN D 81 3.77 5.87 -18.09
C GLN D 81 2.58 6.68 -17.58
N SER D 82 2.88 7.80 -16.94
CA SER D 82 1.85 8.67 -16.39
C SER D 82 1.07 9.31 -17.54
N TYR D 83 1.77 9.72 -18.59
CA TYR D 83 1.06 10.17 -19.78
C TYR D 83 0.25 9.05 -20.47
N VAL D 84 0.81 7.84 -20.54
CA VAL D 84 0.13 6.71 -21.17
C VAL D 84 -1.17 6.41 -20.44
N THR D 85 -1.07 6.36 -19.12
CA THR D 85 -2.24 6.16 -18.25
C THR D 85 -3.32 7.17 -18.55
N LEU D 86 -2.94 8.43 -18.74
CA LEU D 86 -3.88 9.50 -19.06
C LEU D 86 -4.60 9.27 -20.39
N THR D 87 -3.81 8.98 -21.43
CA THR D 87 -4.32 8.80 -22.78
C THR D 87 -5.30 7.64 -22.81
N MET D 88 -5.00 6.58 -22.06
CA MET D 88 -5.91 5.43 -21.96
C MET D 88 -7.23 5.83 -21.28
N LEU D 89 -7.13 6.51 -20.15
CA LEU D 89 -8.28 7.11 -19.44
C LEU D 89 -9.09 8.07 -20.33
N GLN D 90 -8.40 8.92 -21.07
CA GLN D 90 -9.06 9.73 -22.09
C GLN D 90 -9.85 8.86 -23.11
N SER D 91 -9.23 7.79 -23.59
CA SER D 91 -9.93 6.85 -24.48
C SER D 91 -11.04 6.04 -23.80
N HIS D 92 -10.76 5.54 -22.60
CA HIS D 92 -11.76 4.77 -21.85
C HIS D 92 -13.02 5.56 -21.55
N THR D 93 -12.88 6.86 -21.33
CA THR D 93 -14.03 7.64 -20.86
C THR D 93 -14.65 8.46 -21.96
N ALA D 94 -14.03 8.40 -23.13
CA ALA D 94 -14.52 9.12 -24.30
C ALA D 94 -16.01 8.84 -24.49
N PRO D 95 -16.83 9.92 -24.60
CA PRO D 95 -18.26 9.76 -24.87
C PRO D 95 -18.51 9.37 -26.31
N THR D 96 -19.51 8.51 -26.52
CA THR D 96 -19.85 8.00 -27.85
C THR D 96 -21.32 7.61 -27.94
N ASN D 97 -21.93 7.89 -29.09
CA ASN D 97 -23.33 7.49 -29.29
C ASN D 97 -23.47 6.17 -30.02
N LYS D 98 -22.41 5.38 -30.02
CA LYS D 98 -22.38 4.11 -30.74
C LYS D 98 -22.47 2.91 -29.79
N LYS D 99 -22.87 1.77 -30.34
CA LYS D 99 -23.22 0.60 -29.52
C LYS D 99 -21.99 -0.25 -29.23
N LEU D 100 -20.89 0.07 -29.91
CA LEU D 100 -19.63 -0.62 -29.73
C LEU D 100 -18.45 0.36 -29.69
N LYS D 101 -17.57 0.19 -28.70
CA LYS D 101 -16.25 0.85 -28.69
C LYS D 101 -15.13 -0.18 -28.77
N ILE D 102 -14.15 0.05 -29.64
CA ILE D 102 -12.98 -0.82 -29.71
C ILE D 102 -11.73 0.06 -29.62
N MET D 103 -10.87 -0.28 -28.67
CA MET D 103 -9.65 0.47 -28.36
C MET D 103 -8.42 -0.41 -28.49
N GLU D 104 -7.36 0.14 -29.03
CA GLU D 104 -6.03 -0.45 -28.95
C GLU D 104 -5.45 -0.24 -27.55
N ARG D 105 -5.12 -1.34 -26.87
CA ARG D 105 -4.57 -1.31 -25.51
C ARG D 105 -5.57 -0.74 -24.48
N SER D 106 -5.12 -0.60 -23.24
CA SER D 106 -5.94 -0.23 -22.10
C SER D 106 -5.04 0.29 -21.00
N ILE D 107 -5.64 0.82 -19.94
CA ILE D 107 -4.91 1.17 -18.73
C ILE D 107 -4.36 -0.11 -18.10
N PHE D 108 -5.01 -1.24 -18.39
CA PHE D 108 -4.62 -2.49 -17.76
C PHE D 108 -3.22 -2.96 -18.13
N SER D 109 -2.85 -2.83 -19.41
CA SER D 109 -1.52 -3.29 -19.84
C SER D 109 -0.40 -2.33 -19.46
N ALA D 110 -0.70 -1.03 -19.39
CA ALA D 110 0.29 -0.10 -18.80
C ALA D 110 0.60 -0.53 -17.37
N ARG D 111 -0.43 -0.81 -16.60
CA ARG D 111 -0.23 -1.21 -15.20
C ARG D 111 0.40 -2.57 -14.99
N TYR D 112 -0.25 -3.60 -15.54
CA TYR D 112 0.11 -4.99 -15.25
C TYR D 112 1.32 -5.46 -16.04
N CYS D 113 1.58 -4.81 -17.18
CA CYS D 113 2.67 -5.25 -18.05
C CYS D 113 3.84 -4.26 -18.06
N PHE D 114 3.62 -3.06 -18.58
CA PHE D 114 4.74 -2.13 -18.77
C PHE D 114 5.32 -1.50 -17.49
N VAL D 115 4.47 -0.89 -16.67
CA VAL D 115 4.89 -0.35 -15.35
C VAL D 115 5.56 -1.43 -14.47
N GLU D 116 4.90 -2.58 -14.32
CA GLU D 116 5.51 -3.71 -13.61
C GLU D 116 6.87 -4.17 -14.17
N ASN D 117 7.00 -4.24 -15.49
CA ASN D 117 8.30 -4.64 -16.05
C ASN D 117 9.38 -3.59 -15.84
N MET D 118 8.98 -2.32 -15.93
CA MET D 118 9.91 -1.23 -15.66
C MET D 118 10.32 -1.13 -14.18
N ARG D 119 9.46 -1.65 -13.31
CA ARG D 119 9.79 -1.79 -11.90
C ARG D 119 10.85 -2.88 -11.75
N ARG D 120 10.55 -4.08 -12.24
CA ARG D 120 11.46 -5.23 -12.18
C ARG D 120 12.85 -4.95 -12.75
N ASN D 121 12.90 -4.18 -13.84
CA ASN D 121 14.17 -3.88 -14.52
C ASN D 121 14.96 -2.67 -14.01
N GLY D 122 14.39 -1.94 -13.04
CA GLY D 122 15.09 -0.83 -12.41
C GLY D 122 14.87 0.53 -13.05
N SER D 123 14.09 0.57 -14.13
CA SER D 123 13.76 1.82 -14.84
C SER D 123 12.88 2.76 -14.01
N LEU D 124 12.01 2.20 -13.19
CA LEU D 124 11.18 2.97 -12.28
C LEU D 124 11.69 2.70 -10.88
N GLU D 125 12.22 3.73 -10.23
CA GLU D 125 12.59 3.59 -8.82
C GLU D 125 11.34 3.29 -8.01
N GLN D 126 11.52 2.77 -6.80
CA GLN D 126 10.41 2.42 -5.93
C GLN D 126 9.41 3.55 -5.61
N GLY D 127 9.89 4.79 -5.46
CA GLY D 127 8.97 5.90 -5.21
C GLY D 127 8.23 6.35 -6.47
N MET D 128 8.78 6.04 -7.63
CA MET D 128 8.05 6.27 -8.89
C MET D 128 6.95 5.21 -9.08
N TYR D 129 7.32 3.94 -8.93
CA TYR D 129 6.39 2.82 -8.94
C TYR D 129 5.23 2.95 -7.93
N ASN D 130 5.55 3.30 -6.69
CA ASN D 130 4.53 3.52 -5.66
C ASN D 130 3.57 4.64 -6.00
N THR D 131 4.08 5.70 -6.59
CA THR D 131 3.25 6.83 -7.03
C THR D 131 2.26 6.39 -8.10
N LEU D 132 2.75 5.62 -9.07
CA LEU D 132 1.90 5.05 -10.12
C LEU D 132 0.86 4.11 -9.57
N GLU D 133 1.29 3.19 -8.70
CA GLU D 133 0.36 2.24 -8.08
C GLU D 133 -0.72 2.97 -7.27
N GLU D 134 -0.31 3.99 -6.51
CA GLU D 134 -1.30 4.76 -5.74
C GLU D 134 -2.28 5.48 -6.66
N TRP D 135 -1.79 6.05 -7.76
CA TRP D 135 -2.68 6.60 -8.79
C TRP D 135 -3.68 5.56 -9.35
N TYR D 136 -3.17 4.36 -9.67
CA TYR D 136 -4.02 3.28 -10.18
C TYR D 136 -5.16 2.91 -9.23
N LYS D 137 -4.87 2.86 -7.93
CA LYS D 137 -5.86 2.51 -6.92
C LYS D 137 -6.95 3.57 -6.86
N PHE D 138 -6.55 4.83 -6.87
CA PHE D 138 -7.50 5.94 -6.91
C PHE D 138 -8.31 6.01 -8.22
N ILE D 139 -7.68 5.73 -9.35
CA ILE D 139 -8.41 5.66 -10.63
C ILE D 139 -9.51 4.59 -10.58
N GLU D 140 -9.20 3.41 -10.03
CA GLU D 140 -10.20 2.36 -9.79
C GLU D 140 -11.44 2.84 -9.04
N GLU D 141 -11.25 3.71 -8.06
CA GLU D 141 -12.33 4.23 -7.23
C GLU D 141 -13.14 5.31 -7.94
N SER D 142 -12.48 6.09 -8.79
CA SER D 142 -13.05 7.35 -9.29
C SER D 142 -13.47 7.35 -10.74
N ILE D 143 -12.91 6.44 -11.54
CA ILE D 143 -13.12 6.45 -12.98
C ILE D 143 -13.57 5.08 -13.52
N HIS D 144 -14.74 5.07 -14.16
CA HIS D 144 -15.28 3.85 -14.75
C HIS D 144 -14.52 3.44 -16.01
N VAL D 145 -13.99 2.22 -16.01
CA VAL D 145 -13.30 1.67 -17.16
C VAL D 145 -14.10 0.46 -17.68
N GLN D 146 -14.79 0.68 -18.80
CA GLN D 146 -15.63 -0.33 -19.41
C GLN D 146 -14.74 -1.34 -20.16
N ALA D 147 -14.87 -2.61 -19.83
CA ALA D 147 -14.10 -3.67 -20.46
C ALA D 147 -14.93 -4.94 -20.53
N ASP D 148 -15.44 -5.20 -21.73
CA ASP D 148 -16.40 -6.30 -21.92
C ASP D 148 -15.73 -7.50 -22.55
N LEU D 149 -14.75 -7.24 -23.40
CA LEU D 149 -13.98 -8.32 -23.99
C LEU D 149 -12.60 -7.82 -24.28
N ILE D 150 -11.62 -8.68 -24.09
CA ILE D 150 -10.26 -8.41 -24.55
C ILE D 150 -9.91 -9.35 -25.69
N ILE D 151 -9.48 -8.78 -26.82
CA ILE D 151 -8.85 -9.59 -27.86
C ILE D 151 -7.34 -9.55 -27.69
N TYR D 152 -6.79 -10.74 -27.45
CA TYR D 152 -5.37 -10.93 -27.21
C TYR D 152 -4.74 -11.52 -28.43
N LEU D 153 -3.96 -10.71 -29.10
CA LEU D 153 -3.19 -11.13 -30.24
C LEU D 153 -1.92 -11.74 -29.70
N ARG D 154 -2.01 -13.03 -29.37
CA ARG D 154 -0.91 -13.77 -28.79
C ARG D 154 0.15 -14.05 -29.85
N THR D 155 1.40 -13.67 -29.55
CA THR D 155 2.54 -13.91 -30.43
C THR D 155 3.64 -14.59 -29.65
N SER D 156 4.67 -15.04 -30.37
CA SER D 156 5.89 -15.47 -29.70
C SER D 156 6.79 -14.26 -29.68
N PRO D 157 7.64 -14.14 -28.64
CA PRO D 157 8.56 -12.98 -28.59
C PRO D 157 9.42 -12.79 -29.85
N GLU D 158 9.75 -13.90 -30.53
CA GLU D 158 10.60 -13.86 -31.74
C GLU D 158 9.89 -13.21 -32.93
N VAL D 159 8.61 -13.52 -33.09
CA VAL D 159 7.81 -12.93 -34.16
C VAL D 159 7.57 -11.44 -33.90
N ALA D 160 7.16 -11.08 -32.68
CA ALA D 160 7.04 -9.68 -32.26
C ALA D 160 8.32 -8.89 -32.53
N TYR D 161 9.46 -9.46 -32.13
CA TYR D 161 10.77 -8.84 -32.30
C TYR D 161 11.17 -8.61 -33.76
N GLU D 162 10.78 -9.54 -34.63
CA GLU D 162 11.11 -9.45 -36.04
C GLU D 162 10.31 -8.31 -36.66
N ARG D 163 9.02 -8.25 -36.35
CA ARG D 163 8.14 -7.17 -36.81
C ARG D 163 8.59 -5.78 -36.34
N ILE D 164 9.13 -5.71 -35.13
CA ILE D 164 9.73 -4.48 -34.57
C ILE D 164 10.98 -4.05 -35.33
N ARG D 165 11.85 -5.00 -35.67
CA ARG D 165 13.04 -4.69 -36.46
C ARG D 165 12.71 -4.27 -37.89
N GLN D 166 11.67 -4.88 -38.46
CA GLN D 166 11.16 -4.52 -39.78
C GLN D 166 10.59 -3.10 -39.80
N ARG D 167 9.69 -2.82 -38.86
CA ARG D 167 9.06 -1.50 -38.72
C ARG D 167 10.14 -0.43 -38.57
N ALA D 168 11.16 -0.74 -37.77
CA ALA D 168 12.33 0.12 -37.56
C ALA D 168 12.05 1.56 -37.09
N ARG D 169 11.17 1.71 -36.11
CA ARG D 169 11.00 2.97 -35.36
C ARG D 169 12.30 3.37 -34.70
N SER D 170 12.73 4.61 -34.88
CA SER D 170 13.96 5.09 -34.23
C SER D 170 13.96 4.91 -32.71
N GLU D 171 12.78 5.03 -32.08
CA GLU D 171 12.70 4.98 -30.61
C GLU D 171 13.01 3.58 -30.13
N GLU D 172 12.62 2.60 -30.93
CA GLU D 172 12.71 1.21 -30.55
C GLU D 172 13.99 0.54 -31.03
N SER D 173 14.99 1.34 -31.41
CA SER D 173 16.19 0.82 -32.10
C SER D 173 17.08 -0.03 -31.20
N CYS D 174 16.98 0.17 -29.88
CA CYS D 174 17.85 -0.51 -28.91
C CYS D 174 17.10 -1.53 -28.07
N VAL D 175 15.82 -1.74 -28.39
CA VAL D 175 15.01 -2.71 -27.64
C VAL D 175 15.55 -4.12 -27.88
N PRO D 176 15.96 -4.82 -26.81
CA PRO D 176 16.42 -6.20 -26.94
C PRO D 176 15.27 -7.19 -26.92
N LEU D 177 15.51 -8.41 -27.39
CA LEU D 177 14.50 -9.48 -27.40
C LEU D 177 14.08 -9.86 -25.98
N LYS D 178 15.00 -9.74 -25.03
CA LYS D 178 14.74 -10.08 -23.64
C LYS D 178 13.56 -9.28 -23.07
N TYR D 179 13.49 -8.00 -23.45
CA TYR D 179 12.43 -7.09 -23.04
C TYR D 179 11.10 -7.60 -23.59
N LEU D 180 11.11 -8.05 -24.83
CA LEU D 180 9.91 -8.64 -25.44
C LEU D 180 9.47 -9.94 -24.80
N GLN D 181 10.44 -10.74 -24.36
CA GLN D 181 10.15 -11.98 -23.66
C GLN D 181 9.51 -11.69 -22.30
N GLU D 182 10.05 -10.70 -21.60
CA GLU D 182 9.53 -10.22 -20.30
C GLU D 182 8.12 -9.71 -20.43
N LEU D 183 7.93 -8.81 -21.38
CA LEU D 183 6.60 -8.33 -21.74
C LEU D 183 5.64 -9.44 -22.14
N HIS D 184 6.10 -10.41 -22.93
CA HIS D 184 5.27 -11.57 -23.31
C HIS D 184 4.74 -12.35 -22.09
N GLU D 185 5.63 -12.71 -21.16
CA GLU D 185 5.21 -13.51 -19.99
C GLU D 185 4.19 -12.75 -19.14
N LEU D 186 4.42 -11.46 -18.99
CA LEU D 186 3.46 -10.57 -18.33
C LEU D 186 2.07 -10.50 -19.02
N HIS D 187 2.03 -10.37 -20.34
CA HIS D 187 0.74 -10.45 -21.04
C HIS D 187 0.08 -11.82 -20.80
N GLU D 188 0.88 -12.89 -20.85
CA GLU D 188 0.39 -14.26 -20.54
C GLU D 188 -0.13 -14.39 -19.12
N ASP D 189 0.64 -13.90 -18.15
CA ASP D 189 0.23 -13.97 -16.74
C ASP D 189 -1.13 -13.35 -16.50
N TRP D 190 -1.40 -12.25 -17.20
CA TRP D 190 -2.63 -11.49 -17.08
C TRP D 190 -3.76 -12.10 -17.91
N LEU D 191 -3.51 -12.32 -19.20
CA LEU D 191 -4.57 -12.69 -20.15
C LEU D 191 -4.84 -14.20 -20.26
N ILE D 192 -3.83 -15.03 -20.06
CA ILE D 192 -4.02 -16.48 -20.02
C ILE D 192 -4.25 -17.00 -18.60
N HIS D 193 -3.32 -16.68 -17.70
CA HIS D 193 -3.29 -17.33 -16.37
C HIS D 193 -4.13 -16.65 -15.30
N GLN D 194 -4.89 -15.63 -15.71
CA GLN D 194 -5.77 -14.87 -14.83
C GLN D 194 -5.16 -14.52 -13.45
N ARG D 195 -3.94 -14.00 -13.49
CA ARG D 195 -3.20 -13.68 -12.28
C ARG D 195 -3.48 -12.26 -11.73
N ARG D 196 -4.19 -11.45 -12.53
CA ARG D 196 -4.55 -10.09 -12.12
C ARG D 196 -5.95 -10.01 -11.56
N PRO D 197 -6.23 -9.00 -10.70
CA PRO D 197 -7.58 -8.83 -10.18
C PRO D 197 -8.57 -8.49 -11.29
N GLN D 198 -8.07 -8.07 -12.44
CA GLN D 198 -8.93 -7.73 -13.59
C GLN D 198 -9.53 -9.00 -14.21
N SER D 199 -10.86 -9.00 -14.34
CA SER D 199 -11.57 -10.12 -14.93
C SER D 199 -12.63 -9.68 -15.92
N CYS D 200 -12.43 -10.05 -17.18
CA CYS D 200 -13.48 -9.99 -18.19
C CYS D 200 -13.12 -11.07 -19.20
N LYS D 201 -13.99 -11.31 -20.18
CA LYS D 201 -13.76 -12.38 -21.15
C LYS D 201 -12.53 -12.06 -22.03
N VAL D 202 -11.73 -13.09 -22.29
CA VAL D 202 -10.58 -12.98 -23.18
C VAL D 202 -10.72 -13.90 -24.40
N LEU D 203 -10.49 -13.32 -25.58
CA LEU D 203 -10.42 -14.07 -26.81
C LEU D 203 -8.98 -14.09 -27.28
N VAL D 204 -8.42 -15.29 -27.39
CA VAL D 204 -7.02 -15.45 -27.77
C VAL D 204 -6.91 -15.85 -29.24
N LEU D 205 -6.25 -15.00 -30.01
CA LEU D 205 -6.01 -15.24 -31.42
C LEU D 205 -4.55 -15.56 -31.60
N ASP D 206 -4.22 -16.41 -32.57
CA ASP D 206 -2.83 -16.62 -32.95
C ASP D 206 -2.42 -15.51 -33.92
N ALA D 207 -1.52 -14.65 -33.46
CA ALA D 207 -1.11 -13.49 -34.24
C ALA D 207 0.26 -13.73 -34.88
N ASP D 208 0.75 -14.95 -34.76
CA ASP D 208 2.03 -15.34 -35.39
C ASP D 208 1.98 -15.50 -36.91
N LEU D 209 0.82 -15.86 -37.46
CA LEU D 209 0.71 -16.02 -38.91
C LEU D 209 0.60 -14.70 -39.70
N ASN D 210 0.47 -14.82 -41.02
CA ASN D 210 0.50 -13.71 -41.97
C ASN D 210 -0.56 -12.63 -41.70
#